data_4BRA
#
_entry.id   4BRA
#
_cell.length_a   61.448
_cell.length_b   85.204
_cell.length_c   70.736
_cell.angle_alpha   90.00
_cell.angle_beta   108.34
_cell.angle_gamma   90.00
#
_symmetry.space_group_name_H-M   'P 1 21 1'
#
loop_
_entity.id
_entity.type
_entity.pdbx_description
1 polymer 'ECTONUCLEOSIDE TRIPHOSPHATE DIPHOSPHOHYDROLASE I'
2 non-polymer 'PHOSPHOAMINOPHOSPHONIC ACID-ADENYLATE ESTER'
3 non-polymer 'MAGNESIUM ION'
4 non-polymer '2-(N-MORPHOLINO)-ETHANESULFONIC ACID'
5 non-polymer GLYCEROL
6 water water
#
_entity_poly.entity_id   1
_entity_poly.type   'polypeptide(L)'
_entity_poly.pdbx_seq_one_letter_code
;MDTNPCEKHSCIAVIDAGSTGSRLHIYSYDTDDTNTPIHIEEIWNKKIKPGFASIQPNSVTIDAYLTMLLADAPIHNIPV
YFYATAGMRLLPQSQQKKYYDELDYWFRQQSQWQLVEAKTITGNDEALFDWLAVNYKLDTLKSVQNKSVGVMDMGGASVQ
IVFPMPKNAEISKHNQVELNIYGQNINLYVHSFLGLGQTEMSHQFLNSPSCFANDYPLPDGESGQGNAPSCKEEVTSLMN
SVHKVNQQIQPLLALNPVNEWYSIGGISNLASSQLFHFENSELTNQSLLQQGDNQICHQQWDILNGQYPDDEYLYQYCLL
SSYYYALMVDGYGINPNQTIHYIPPEQNLDWTIGVVLHRALEHHHHHH
;
_entity_poly.pdbx_strand_id   A,B
#
loop_
_chem_comp.id
_chem_comp.type
_chem_comp.name
_chem_comp.formula
ANP non-polymer 'PHOSPHOAMINOPHOSPHONIC ACID-ADENYLATE ESTER' 'C10 H17 N6 O12 P3'
GOL non-polymer GLYCEROL 'C3 H8 O3'
MES non-polymer '2-(N-MORPHOLINO)-ETHANESULFONIC ACID' 'C6 H13 N O4 S'
MG non-polymer 'MAGNESIUM ION' 'Mg 2'
#
# COMPACT_ATOMS: atom_id res chain seq x y z
N THR A 3 6.69 37.55 -20.40
CA THR A 3 5.24 37.95 -20.43
C THR A 3 4.39 36.71 -20.19
N ASN A 4 3.71 36.67 -19.02
CA ASN A 4 2.67 35.68 -18.76
C ASN A 4 1.49 35.96 -19.62
N PRO A 5 0.88 34.90 -20.09
CA PRO A 5 -0.48 35.01 -20.57
C PRO A 5 -1.39 35.45 -19.39
N CYS A 6 -0.87 35.28 -18.17
CA CYS A 6 -1.59 35.66 -16.92
C CYS A 6 -1.70 37.17 -16.69
N GLU A 7 -0.94 37.94 -17.46
CA GLU A 7 -1.13 39.35 -17.48
C GLU A 7 -2.31 39.75 -18.33
N LYS A 8 -2.79 38.87 -19.20
CA LYS A 8 -3.90 39.27 -20.09
C LYS A 8 -5.17 38.39 -19.89
N HIS A 9 -5.03 37.28 -19.14
CA HIS A 9 -6.07 36.31 -18.98
C HIS A 9 -6.04 35.89 -17.50
N SER A 10 -7.20 35.53 -16.95
CA SER A 10 -7.25 34.93 -15.63
C SER A 10 -6.37 33.66 -15.63
N CYS A 11 -5.64 33.48 -14.54
CA CYS A 11 -4.91 32.21 -14.27
C CYS A 11 -5.26 31.62 -12.88
N ILE A 12 -5.16 30.28 -12.75
CA ILE A 12 -5.42 29.46 -11.53
C ILE A 12 -4.35 28.38 -11.51
N ALA A 13 -3.88 28.06 -10.32
CA ALA A 13 -3.01 26.90 -10.07
C ALA A 13 -3.86 25.79 -9.45
N VAL A 14 -3.71 24.57 -10.00
CA VAL A 14 -4.39 23.42 -9.41
C VAL A 14 -3.30 22.38 -9.25
N ILE A 15 -3.24 21.82 -8.05
CA ILE A 15 -2.18 20.86 -7.70
C ILE A 15 -2.90 19.58 -7.50
N ASP A 16 -2.51 18.59 -8.31
CA ASP A 16 -2.95 17.20 -8.18
C ASP A 16 -1.95 16.56 -7.26
N ALA A 17 -2.35 16.35 -5.98
CA ALA A 17 -1.49 15.71 -4.96
C ALA A 17 -1.85 14.22 -4.95
N GLY A 18 -1.33 13.46 -5.95
CA GLY A 18 -1.63 12.06 -6.13
C GLY A 18 -0.77 11.13 -5.30
N SER A 19 -1.21 9.86 -5.29
CA SER A 19 -0.53 8.88 -4.43
C SER A 19 0.96 8.74 -4.79
N THR A 20 1.32 8.94 -6.10
CA THR A 20 2.70 8.77 -6.54
C THR A 20 3.55 10.01 -6.73
N GLY A 21 2.89 11.17 -6.63
CA GLY A 21 3.63 12.35 -6.84
C GLY A 21 2.64 13.54 -6.94
N SER A 22 3.17 14.77 -6.98
CA SER A 22 2.32 15.95 -7.05
C SER A 22 2.55 16.67 -8.36
N ARG A 23 1.48 17.19 -8.97
CA ARG A 23 1.68 17.91 -10.23
C ARG A 23 1.01 19.27 -10.14
N LEU A 24 1.81 20.30 -10.30
CA LEU A 24 1.32 21.66 -10.36
C LEU A 24 0.94 21.97 -11.80
N HIS A 25 -0.29 22.42 -12.00
CA HIS A 25 -0.69 22.97 -13.30
C HIS A 25 -1.13 24.39 -13.03
N ILE A 26 -0.69 25.28 -13.92
CA ILE A 26 -1.29 26.62 -14.03
C ILE A 26 -2.00 26.79 -15.36
N TYR A 27 -3.27 27.21 -15.30
CA TYR A 27 -4.13 27.36 -16.43
C TYR A 27 -4.48 28.85 -16.68
N SER A 28 -4.38 29.28 -17.91
CA SER A 28 -5.01 30.54 -18.27
C SER A 28 -6.38 30.22 -18.87
N TYR A 29 -7.30 31.16 -18.74
CA TYR A 29 -8.60 30.97 -19.29
C TYR A 29 -9.30 32.36 -19.43
N ASP A 30 -10.37 32.35 -20.22
CA ASP A 30 -11.26 33.48 -20.29
C ASP A 30 -12.54 33.04 -19.65
N THR A 31 -13.50 33.94 -19.51
CA THR A 31 -14.79 33.48 -19.04
C THR A 31 -15.89 33.83 -20.05
N ASP A 32 -16.97 33.07 -20.08
CA ASP A 32 -18.12 33.50 -20.94
C ASP A 32 -19.16 34.35 -20.16
N ASP A 33 -20.35 34.49 -20.74
CA ASP A 33 -21.43 35.35 -20.19
C ASP A 33 -21.94 34.97 -18.79
N THR A 34 -21.52 33.81 -18.29
CA THR A 34 -21.89 33.32 -16.96
C THR A 34 -20.68 33.24 -16.02
N ASN A 35 -19.53 33.74 -16.46
CA ASN A 35 -18.26 33.65 -15.71
C ASN A 35 -17.69 32.25 -15.66
N THR A 36 -18.23 31.38 -16.52
CA THR A 36 -17.64 30.08 -16.75
C THR A 36 -16.39 30.10 -17.64
N PRO A 37 -15.29 29.46 -17.18
CA PRO A 37 -14.02 29.43 -17.95
C PRO A 37 -14.16 28.78 -19.31
N ILE A 38 -13.50 29.34 -20.31
CA ILE A 38 -13.49 28.83 -21.68
C ILE A 38 -12.04 29.07 -22.14
N HIS A 39 -11.68 28.47 -23.29
CA HIS A 39 -10.32 28.68 -23.83
C HIS A 39 -9.26 28.36 -22.76
N ILE A 40 -9.49 27.27 -22.00
CA ILE A 40 -8.54 26.85 -20.98
C ILE A 40 -7.26 26.29 -21.61
N GLU A 41 -6.12 26.84 -21.16
CA GLU A 41 -4.79 26.44 -21.69
C GLU A 41 -3.84 26.26 -20.54
N GLU A 42 -3.08 25.17 -20.57
CA GLU A 42 -2.02 24.95 -19.56
C GLU A 42 -0.78 25.79 -19.95
N ILE A 43 -0.31 26.61 -19.04
CA ILE A 43 0.80 27.50 -19.33
C ILE A 43 2.04 27.13 -18.54
N TRP A 44 1.84 26.26 -17.56
CA TRP A 44 2.96 25.77 -16.74
C TRP A 44 2.56 24.44 -16.13
N ASN A 45 3.53 23.52 -16.02
CA ASN A 45 3.32 22.20 -15.40
C ASN A 45 4.64 21.80 -14.71
N LYS A 46 4.56 21.36 -13.46
CA LYS A 46 5.76 20.79 -12.82
C LYS A 46 5.30 19.59 -12.03
N LYS A 47 6.04 18.48 -12.18
CA LYS A 47 5.66 17.23 -11.49
C LYS A 47 6.79 16.80 -10.59
N ILE A 48 6.48 16.47 -9.34
CA ILE A 48 7.53 15.97 -8.44
C ILE A 48 7.09 14.64 -7.82
N LYS A 49 8.05 13.93 -7.26
CA LYS A 49 7.78 12.68 -6.58
C LYS A 49 8.47 12.84 -5.23
N PRO A 50 8.03 12.06 -4.24
CA PRO A 50 6.99 11.02 -4.22
C PRO A 50 5.64 11.69 -3.92
N GLY A 51 4.60 10.91 -3.54
CA GLY A 51 3.29 11.51 -3.14
C GLY A 51 3.42 12.36 -1.85
N PHE A 52 2.63 13.45 -1.76
CA PHE A 52 2.49 14.25 -0.54
C PHE A 52 2.29 13.40 0.72
N ALA A 53 1.36 12.46 0.64
CA ALA A 53 1.01 11.65 1.80
C ALA A 53 2.13 10.69 2.22
N SER A 54 3.20 10.57 1.41
CA SER A 54 4.26 9.60 1.69
CA SER A 54 4.28 9.60 1.65
C SER A 54 5.43 10.19 2.45
N ILE A 55 5.42 11.54 2.60
CA ILE A 55 6.45 12.27 3.36
C ILE A 55 6.02 12.46 4.83
N GLN A 56 6.99 12.66 5.72
CA GLN A 56 6.75 12.90 7.15
C GLN A 56 6.12 14.27 7.36
N PRO A 57 4.98 14.38 8.10
CA PRO A 57 4.27 15.67 8.22
C PRO A 57 4.87 16.64 9.30
N ASN A 58 6.16 16.89 9.24
CA ASN A 58 6.79 17.97 10.02
C ASN A 58 6.99 19.17 9.08
N SER A 59 7.20 20.37 9.66
CA SER A 59 7.28 21.61 8.86
C SER A 59 8.49 21.64 7.92
N VAL A 60 9.63 21.07 8.33
CA VAL A 60 10.81 21.05 7.46
C VAL A 60 10.52 20.35 6.13
N THR A 61 10.01 19.12 6.19
CA THR A 61 9.72 18.26 5.02
C THR A 61 8.61 18.88 4.15
N ILE A 62 7.51 19.26 4.79
CA ILE A 62 6.43 19.92 4.05
C ILE A 62 6.93 21.18 3.33
N ASP A 63 7.82 21.92 4.01
CA ASP A 63 8.34 23.17 3.46
C ASP A 63 9.26 22.95 2.25
N ALA A 64 10.19 21.98 2.37
CA ALA A 64 11.01 21.58 1.25
C ALA A 64 10.14 21.10 0.07
N TYR A 65 9.07 20.36 0.37
CA TYR A 65 8.26 19.68 -0.65
C TYR A 65 7.51 20.72 -1.47
N LEU A 66 6.89 21.63 -0.74
CA LEU A 66 6.06 22.65 -1.37
C LEU A 66 6.96 23.60 -2.11
N THR A 67 8.12 23.89 -1.50
CA THR A 67 9.11 24.75 -2.13
C THR A 67 9.52 24.17 -3.49
N MET A 68 9.73 22.88 -3.51
CA MET A 68 10.16 22.22 -4.74
C MET A 68 9.04 22.15 -5.75
N LEU A 69 7.80 22.05 -5.26
CA LEU A 69 6.66 22.02 -6.16
C LEU A 69 6.35 23.40 -6.78
N LEU A 70 6.46 24.45 -5.95
CA LEU A 70 5.85 25.76 -6.20
C LEU A 70 6.81 26.89 -6.52
N ALA A 71 8.07 26.76 -6.07
CA ALA A 71 9.03 27.87 -6.08
C ALA A 71 9.31 28.49 -7.44
N ASP A 72 9.56 27.65 -8.46
CA ASP A 72 9.94 28.18 -9.78
C ASP A 72 8.77 28.45 -10.78
N ALA A 73 7.52 28.39 -10.27
CA ALA A 73 6.34 28.80 -11.03
C ALA A 73 6.45 30.26 -11.57
N PRO A 74 6.24 30.45 -12.88
CA PRO A 74 6.26 31.83 -13.42
C PRO A 74 5.36 32.85 -12.69
N ILE A 75 4.36 32.43 -11.90
CA ILE A 75 3.39 33.39 -11.33
C ILE A 75 2.71 32.93 -10.03
N HIS A 76 2.55 33.85 -9.05
CA HIS A 76 2.06 33.45 -7.71
C HIS A 76 0.71 34.06 -7.28
N ASN A 77 0.40 35.26 -7.79
CA ASN A 77 -0.78 35.97 -7.30
C ASN A 77 -2.04 35.44 -7.96
N ILE A 78 -2.29 34.16 -7.72
CA ILE A 78 -3.33 33.44 -8.41
C ILE A 78 -3.92 32.51 -7.38
N PRO A 79 -5.21 32.25 -7.51
CA PRO A 79 -5.87 31.27 -6.70
C PRO A 79 -5.14 29.93 -6.91
N VAL A 80 -4.95 29.23 -5.79
CA VAL A 80 -4.50 27.84 -5.74
C VAL A 80 -5.54 26.91 -5.10
N TYR A 81 -5.70 25.74 -5.73
CA TYR A 81 -6.48 24.61 -5.24
C TYR A 81 -5.56 23.43 -5.10
N PHE A 82 -5.36 22.97 -3.86
CA PHE A 82 -4.49 21.80 -3.59
C PHE A 82 -5.40 20.68 -3.22
N TYR A 83 -5.51 19.69 -4.11
CA TYR A 83 -6.48 18.61 -3.92
C TYR A 83 -5.70 17.32 -3.95
N ALA A 84 -5.73 16.65 -2.80
CA ALA A 84 -5.14 15.35 -2.67
C ALA A 84 -6.12 14.26 -2.92
N THR A 85 -5.60 13.18 -3.50
CA THR A 85 -6.49 12.09 -3.87
C THR A 85 -6.21 10.85 -3.01
N ALA A 86 -6.12 9.70 -3.67
CA ALA A 86 -6.16 8.44 -2.89
C ALA A 86 -4.98 8.22 -1.91
N GLY A 87 -3.79 8.79 -2.19
CA GLY A 87 -2.65 8.54 -1.22
C GLY A 87 -3.08 9.11 0.14
N MET A 88 -3.65 10.31 0.17
CA MET A 88 -4.16 10.86 1.47
C MET A 88 -5.40 10.14 1.99
N ARG A 89 -6.28 9.68 1.10
N ARG A 89 -6.27 9.66 1.11
CA ARG A 89 -7.46 8.92 1.58
CA ARG A 89 -7.46 8.92 1.58
C ARG A 89 -7.06 7.72 2.41
C ARG A 89 -7.14 7.60 2.27
N LEU A 90 -5.89 7.15 2.13
CA LEU A 90 -5.43 5.95 2.89
C LEU A 90 -5.21 6.27 4.37
N LEU A 91 -5.16 7.57 4.72
CA LEU A 91 -4.84 7.99 6.08
C LEU A 91 -6.07 8.46 6.82
N PRO A 92 -6.11 8.24 8.16
CA PRO A 92 -7.25 8.71 8.96
C PRO A 92 -7.24 10.23 9.00
N GLN A 93 -8.41 10.81 9.23
CA GLN A 93 -8.56 12.25 9.23
C GLN A 93 -7.52 12.89 10.18
N SER A 94 -7.17 12.24 11.30
CA SER A 94 -6.26 12.87 12.27
C SER A 94 -4.85 13.06 11.73
N GLN A 95 -4.39 12.14 10.89
CA GLN A 95 -3.01 12.16 10.35
C GLN A 95 -3.01 13.11 9.16
N GLN A 96 -4.09 13.09 8.38
CA GLN A 96 -4.17 14.07 7.30
C GLN A 96 -4.20 15.50 7.86
N LYS A 97 -4.83 15.65 9.04
CA LYS A 97 -5.00 17.03 9.60
C LYS A 97 -3.66 17.77 9.81
N LYS A 98 -2.67 16.97 10.14
CA LYS A 98 -1.31 17.41 10.37
C LYS A 98 -0.73 17.97 9.09
N TYR A 99 -0.89 17.25 7.97
CA TYR A 99 -0.40 17.74 6.69
C TYR A 99 -1.01 19.06 6.32
N TYR A 100 -2.34 19.16 6.45
CA TYR A 100 -3.05 20.41 6.09
C TYR A 100 -2.74 21.56 7.01
N ASP A 101 -2.49 21.25 8.29
CA ASP A 101 -2.11 22.32 9.19
C ASP A 101 -0.80 22.99 8.73
N GLU A 102 0.20 22.18 8.37
CA GLU A 102 1.49 22.72 8.02
C GLU A 102 1.41 23.32 6.63
N LEU A 103 0.56 22.74 5.78
CA LEU A 103 0.46 23.22 4.41
CA LEU A 103 0.41 23.19 4.40
C LEU A 103 -0.14 24.62 4.45
N ASP A 104 -1.23 24.77 5.22
CA ASP A 104 -1.91 26.03 5.42
C ASP A 104 -0.94 27.07 5.96
N TYR A 105 -0.18 26.66 6.96
CA TYR A 105 0.87 27.55 7.50
C TYR A 105 1.85 28.05 6.43
N TRP A 106 2.41 27.12 5.68
CA TRP A 106 3.33 27.42 4.64
C TRP A 106 2.83 28.47 3.62
N PHE A 107 1.61 28.23 3.11
CA PHE A 107 1.03 29.14 2.15
C PHE A 107 0.87 30.58 2.66
N ARG A 108 0.51 30.69 3.93
CA ARG A 108 0.35 31.96 4.64
C ARG A 108 1.68 32.73 4.75
N GLN A 109 2.80 32.00 4.77
CA GLN A 109 4.10 32.63 4.65
C GLN A 109 4.48 33.05 3.24
N GLN A 110 3.71 32.65 2.23
CA GLN A 110 3.92 33.09 0.84
C GLN A 110 3.34 34.47 0.55
N SER A 111 4.05 35.25 -0.26
CA SER A 111 3.63 36.65 -0.45
C SER A 111 2.35 36.77 -1.32
N GLN A 112 2.16 35.85 -2.25
CA GLN A 112 1.13 36.07 -3.29
C GLN A 112 0.02 35.02 -3.44
N TRP A 113 0.41 33.74 -3.23
CA TRP A 113 -0.42 32.60 -3.58
C TRP A 113 -1.69 32.75 -2.82
N GLN A 114 -2.83 32.77 -3.48
CA GLN A 114 -4.06 32.88 -2.69
C GLN A 114 -4.60 31.48 -2.56
N LEU A 115 -4.31 30.81 -1.43
CA LEU A 115 -4.78 29.47 -1.34
C LEU A 115 -6.30 29.41 -1.14
N VAL A 116 -7.08 29.06 -2.17
CA VAL A 116 -8.52 28.94 -1.98
C VAL A 116 -8.93 27.73 -1.11
N GLU A 117 -8.40 26.53 -1.41
CA GLU A 117 -8.72 25.29 -0.66
C GLU A 117 -7.52 24.35 -0.72
N ALA A 118 -7.21 23.66 0.39
CA ALA A 118 -6.31 22.52 0.36
C ALA A 118 -7.02 21.47 1.19
N LYS A 119 -7.39 20.38 0.56
CA LYS A 119 -8.17 19.32 1.18
C LYS A 119 -8.03 18.03 0.39
N THR A 120 -8.45 16.94 1.03
CA THR A 120 -8.52 15.64 0.37
C THR A 120 -9.90 15.55 -0.26
N ILE A 121 -9.96 15.23 -1.59
CA ILE A 121 -11.28 15.10 -2.25
C ILE A 121 -11.70 13.63 -2.17
N THR A 122 -13.01 13.35 -2.20
CA THR A 122 -13.46 11.96 -2.25
C THR A 122 -13.11 11.47 -3.65
N GLY A 123 -13.11 10.16 -3.81
CA GLY A 123 -12.91 9.53 -5.14
C GLY A 123 -14.07 9.91 -6.07
N ASN A 124 -15.27 10.16 -5.50
CA ASN A 124 -16.45 10.51 -6.32
C ASN A 124 -16.26 11.89 -6.93
N ASP A 125 -15.74 12.85 -6.17
CA ASP A 125 -15.37 14.15 -6.73
C ASP A 125 -14.26 14.08 -7.72
N GLU A 126 -13.25 13.29 -7.40
CA GLU A 126 -12.12 13.05 -8.34
C GLU A 126 -12.66 12.50 -9.68
N ALA A 127 -13.63 11.58 -9.61
CA ALA A 127 -14.26 11.01 -10.78
C ALA A 127 -15.01 12.08 -11.57
N LEU A 128 -15.73 12.99 -10.89
CA LEU A 128 -16.45 14.06 -11.59
C LEU A 128 -15.40 14.92 -12.34
N PHE A 129 -14.28 15.28 -11.65
CA PHE A 129 -13.23 16.07 -12.31
C PHE A 129 -12.60 15.32 -13.51
N ASP A 130 -12.38 14.02 -13.31
CA ASP A 130 -11.81 13.17 -14.37
C ASP A 130 -12.70 13.34 -15.64
N TRP A 131 -14.00 13.19 -15.46
CA TRP A 131 -14.95 13.21 -16.58
C TRP A 131 -14.99 14.61 -17.23
N LEU A 132 -15.04 15.64 -16.40
CA LEU A 132 -15.06 17.00 -16.93
C LEU A 132 -13.78 17.28 -17.71
N ALA A 133 -12.60 16.90 -17.18
CA ALA A 133 -11.31 17.21 -17.83
C ALA A 133 -11.25 16.58 -19.23
N VAL A 134 -11.63 15.32 -19.34
CA VAL A 134 -11.51 14.61 -20.61
C VAL A 134 -12.59 15.16 -21.58
N ASN A 135 -13.81 15.39 -21.12
CA ASN A 135 -14.85 15.88 -22.04
C ASN A 135 -14.58 17.31 -22.40
N TYR A 136 -13.93 18.08 -21.56
CA TYR A 136 -13.45 19.42 -22.00
C TYR A 136 -12.46 19.30 -23.20
N LYS A 137 -11.46 18.42 -23.08
CA LYS A 137 -10.49 18.18 -24.17
C LYS A 137 -11.16 17.65 -25.44
N LEU A 138 -12.22 16.87 -25.30
CA LEU A 138 -12.98 16.33 -26.47
C LEU A 138 -14.01 17.34 -27.01
N ASP A 139 -14.14 18.50 -26.37
CA ASP A 139 -15.17 19.49 -26.73
C ASP A 139 -16.57 18.90 -26.76
N THR A 140 -16.92 18.07 -25.75
CA THR A 140 -18.25 17.50 -25.74
C THR A 140 -19.16 18.12 -24.66
N LEU A 141 -18.71 19.21 -24.03
CA LEU A 141 -19.44 19.79 -22.92
C LEU A 141 -20.45 20.90 -23.30
N LYS A 142 -20.24 21.59 -24.45
CA LYS A 142 -21.10 22.69 -24.83
C LYS A 142 -22.41 22.23 -25.49
N SER A 143 -22.41 21.00 -26.01
CA SER A 143 -23.63 20.44 -26.64
C SER A 143 -24.08 19.02 -26.21
N VAL A 144 -25.42 18.83 -26.19
CA VAL A 144 -25.97 17.51 -25.83
C VAL A 144 -25.42 16.50 -26.83
N GLN A 145 -24.88 15.38 -26.34
CA GLN A 145 -24.18 14.43 -27.21
C GLN A 145 -25.06 13.30 -27.72
N ASN A 146 -24.69 12.75 -28.89
CA ASN A 146 -25.43 11.68 -29.56
C ASN A 146 -24.77 10.41 -29.14
N LYS A 147 -23.84 10.55 -28.20
CA LYS A 147 -22.99 9.44 -27.79
C LYS A 147 -22.65 9.58 -26.30
N SER A 148 -22.54 8.42 -25.63
CA SER A 148 -22.12 8.36 -24.24
CA SER A 148 -22.11 8.42 -24.24
C SER A 148 -20.61 8.20 -24.17
N VAL A 149 -19.92 9.14 -23.47
CA VAL A 149 -18.48 9.10 -23.25
C VAL A 149 -18.22 8.69 -21.80
N GLY A 150 -17.51 7.56 -21.66
CA GLY A 150 -17.13 6.98 -20.34
C GLY A 150 -15.67 7.36 -20.11
N VAL A 151 -15.31 7.65 -18.84
CA VAL A 151 -13.94 7.97 -18.50
C VAL A 151 -13.48 7.07 -17.36
N MET A 152 -12.23 6.62 -17.49
CA MET A 152 -11.57 5.86 -16.43
C MET A 152 -10.30 6.55 -16.06
N ASP A 153 -9.97 6.56 -14.77
CA ASP A 153 -8.68 7.19 -14.36
C ASP A 153 -8.02 6.11 -13.59
N MET A 154 -6.92 5.64 -14.15
CA MET A 154 -6.20 4.50 -13.63
C MET A 154 -5.00 4.98 -12.75
N GLY A 155 -5.27 5.27 -11.49
CA GLY A 155 -4.29 5.87 -10.60
C GLY A 155 -3.48 4.78 -9.85
N GLY A 156 -2.66 5.25 -8.95
CA GLY A 156 -1.74 4.41 -8.23
C GLY A 156 -2.40 3.90 -6.98
N ALA A 157 -3.35 4.63 -6.39
CA ALA A 157 -4.01 4.09 -5.20
C ALA A 157 -5.50 3.84 -5.32
N SER A 158 -6.22 4.59 -6.23
CA SER A 158 -7.58 4.28 -6.51
C SER A 158 -7.73 4.36 -8.02
N VAL A 159 -8.84 3.79 -8.48
CA VAL A 159 -9.27 3.91 -9.88
C VAL A 159 -10.66 4.49 -9.85
N GLN A 160 -10.96 5.36 -10.84
CA GLN A 160 -12.31 5.92 -10.98
C GLN A 160 -12.94 5.45 -12.30
N ILE A 161 -14.24 5.36 -12.30
CA ILE A 161 -14.99 5.13 -13.53
C ILE A 161 -16.20 6.08 -13.47
N VAL A 162 -16.54 6.73 -14.60
CA VAL A 162 -17.62 7.68 -14.55
C VAL A 162 -18.25 7.68 -15.94
N PHE A 163 -19.58 7.70 -15.99
CA PHE A 163 -20.24 7.66 -17.28
C PHE A 163 -21.62 8.22 -17.13
N PRO A 164 -22.24 8.66 -18.26
CA PRO A 164 -23.59 9.25 -18.12
C PRO A 164 -24.63 8.22 -17.66
N MET A 165 -25.55 8.68 -16.81
CA MET A 165 -26.60 7.83 -16.30
CA MET A 165 -26.60 7.84 -16.32
C MET A 165 -27.72 8.77 -15.80
N PRO A 166 -28.95 8.57 -16.28
CA PRO A 166 -30.11 9.37 -15.75
C PRO A 166 -30.23 9.19 -14.22
N LYS A 167 -30.60 10.24 -13.47
CA LYS A 167 -30.87 10.15 -12.02
C LYS A 167 -31.62 8.89 -11.66
N ASN A 168 -31.10 8.17 -10.66
CA ASN A 168 -31.71 6.92 -10.32
C ASN A 168 -31.93 6.85 -8.82
N ALA A 169 -33.20 6.94 -8.41
CA ALA A 169 -33.53 6.90 -7.00
C ALA A 169 -33.17 5.58 -6.34
N GLU A 170 -32.82 4.55 -7.11
CA GLU A 170 -32.31 3.28 -6.52
C GLU A 170 -30.80 3.22 -6.30
N ILE A 171 -30.08 4.23 -6.77
CA ILE A 171 -28.60 4.30 -6.61
C ILE A 171 -28.25 5.35 -5.56
N SER A 172 -27.29 5.02 -4.68
CA SER A 172 -26.87 6.01 -3.65
C SER A 172 -26.65 7.42 -4.32
N LYS A 173 -27.15 8.45 -3.65
CA LYS A 173 -26.81 9.82 -4.03
C LYS A 173 -25.29 10.03 -4.12
N HIS A 174 -24.49 9.26 -3.36
CA HIS A 174 -23.07 9.44 -3.38
C HIS A 174 -22.48 9.11 -4.73
N ASN A 175 -23.12 8.21 -5.48
CA ASN A 175 -22.54 7.67 -6.71
C ASN A 175 -23.13 8.39 -7.91
N GLN A 176 -23.84 9.51 -7.67
CA GLN A 176 -24.51 10.24 -8.78
C GLN A 176 -24.24 11.68 -8.68
N VAL A 177 -24.05 12.33 -9.81
CA VAL A 177 -23.71 13.75 -9.78
C VAL A 177 -24.44 14.42 -10.91
N GLU A 178 -25.15 15.50 -10.60
CA GLU A 178 -25.77 16.33 -11.67
C GLU A 178 -24.89 17.57 -11.88
N LEU A 179 -24.44 17.76 -13.13
CA LEU A 179 -23.67 18.94 -13.51
C LEU A 179 -24.54 19.79 -14.39
N ASN A 180 -24.37 21.09 -14.23
CA ASN A 180 -24.82 22.10 -15.19
C ASN A 180 -23.61 22.90 -15.60
N ILE A 181 -23.26 22.82 -16.88
CA ILE A 181 -22.12 23.54 -17.39
C ILE A 181 -22.41 23.94 -18.83
N TYR A 182 -22.02 25.18 -19.17
CA TYR A 182 -22.21 25.73 -20.48
C TYR A 182 -23.65 25.60 -20.90
N GLY A 183 -24.56 25.92 -19.98
CA GLY A 183 -26.00 25.85 -20.23
C GLY A 183 -26.51 24.44 -20.41
N GLN A 184 -25.73 23.43 -19.95
CA GLN A 184 -26.06 22.01 -20.21
C GLN A 184 -26.20 21.16 -18.91
N ASN A 185 -27.23 20.31 -18.84
CA ASN A 185 -27.52 19.40 -17.68
C ASN A 185 -27.07 17.97 -17.96
N ILE A 186 -26.17 17.46 -17.12
CA ILE A 186 -25.51 16.20 -17.35
C ILE A 186 -25.61 15.46 -16.04
N ASN A 187 -26.16 14.25 -16.09
CA ASN A 187 -26.17 13.37 -14.93
C ASN A 187 -25.20 12.22 -15.13
N LEU A 188 -24.36 11.97 -14.13
CA LEU A 188 -23.29 10.97 -14.24
C LEU A 188 -23.36 9.99 -13.07
N TYR A 189 -23.03 8.74 -13.37
CA TYR A 189 -22.67 7.77 -12.32
C TYR A 189 -21.16 7.92 -12.07
N VAL A 190 -20.71 7.89 -10.79
CA VAL A 190 -19.30 8.02 -10.45
C VAL A 190 -18.99 6.93 -9.46
N HIS A 191 -17.80 6.36 -9.54
CA HIS A 191 -17.41 5.34 -8.53
C HIS A 191 -15.91 5.39 -8.49
N SER A 192 -15.37 5.26 -7.30
CA SER A 192 -13.92 5.19 -7.14
C SER A 192 -13.69 3.93 -6.28
N PHE A 193 -12.66 3.19 -6.64
CA PHE A 193 -12.30 1.96 -5.92
C PHE A 193 -10.96 2.18 -5.22
N LEU A 194 -11.03 2.44 -3.92
CA LEU A 194 -9.84 2.74 -3.16
C LEU A 194 -9.10 1.39 -2.89
N GLY A 195 -7.81 1.33 -3.17
CA GLY A 195 -7.04 0.09 -2.96
C GLY A 195 -6.85 -0.65 -4.30
N LEU A 196 -7.62 -0.25 -5.38
CA LEU A 196 -7.45 -0.92 -6.64
C LEU A 196 -6.57 -0.14 -7.62
N GLY A 197 -6.00 0.97 -7.18
CA GLY A 197 -4.94 1.66 -7.93
C GLY A 197 -3.75 0.71 -8.08
N GLN A 198 -2.94 0.94 -9.08
CA GLN A 198 -1.90 -0.01 -9.49
C GLN A 198 -0.89 -0.32 -8.36
N THR A 199 -0.57 0.68 -7.52
CA THR A 199 0.50 0.44 -6.54
C THR A 199 -0.11 -0.43 -5.48
N GLU A 200 -1.28 -0.04 -4.98
CA GLU A 200 -1.91 -0.78 -3.88
C GLU A 200 -2.27 -2.18 -4.28
N MET A 201 -2.88 -2.36 -5.46
CA MET A 201 -3.20 -3.67 -5.98
C MET A 201 -1.91 -4.52 -6.06
N SER A 202 -0.81 -3.93 -6.56
CA SER A 202 0.41 -4.78 -6.86
C SER A 202 0.94 -5.41 -5.58
N HIS A 203 0.63 -4.82 -4.43
CA HIS A 203 1.23 -5.34 -3.16
C HIS A 203 0.60 -6.63 -2.79
N GLN A 204 -0.48 -7.02 -3.44
CA GLN A 204 -1.12 -8.32 -3.18
C GLN A 204 -0.59 -9.44 -4.08
N PHE A 205 0.26 -9.13 -5.08
CA PHE A 205 0.59 -10.10 -6.09
C PHE A 205 2.08 -10.24 -6.32
N LEU A 206 2.91 -9.63 -5.44
CA LEU A 206 4.35 -9.66 -5.69
C LEU A 206 5.03 -11.04 -5.63
N ASN A 207 4.40 -12.01 -4.95
CA ASN A 207 4.94 -13.38 -4.91
C ASN A 207 4.19 -14.32 -5.82
N SER A 208 3.48 -13.75 -6.82
CA SER A 208 2.74 -14.57 -7.77
C SER A 208 3.63 -14.81 -8.99
N PRO A 209 4.16 -16.05 -9.13
CA PRO A 209 5.06 -16.22 -10.28
C PRO A 209 4.43 -15.94 -11.67
N SER A 210 3.14 -16.11 -11.82
CA SER A 210 2.51 -15.88 -13.14
CA SER A 210 2.55 -15.89 -13.16
C SER A 210 2.51 -14.43 -13.51
N CYS A 211 2.76 -13.55 -12.53
CA CYS A 211 2.66 -12.08 -12.77
C CYS A 211 4.01 -11.40 -13.13
N PHE A 212 5.09 -12.18 -13.30
CA PHE A 212 6.42 -11.63 -13.55
C PHE A 212 7.13 -12.44 -14.61
N ALA A 213 8.10 -11.82 -15.27
CA ALA A 213 8.92 -12.50 -16.28
C ALA A 213 9.59 -13.77 -15.71
N ASN A 214 9.90 -14.73 -16.56
CA ASN A 214 10.63 -15.94 -16.15
C ASN A 214 11.87 -15.57 -15.42
N ASP A 215 12.03 -16.24 -14.27
CA ASP A 215 13.26 -16.06 -13.43
C ASP A 215 13.38 -14.67 -12.79
N TYR A 216 12.34 -13.85 -12.88
CA TYR A 216 12.31 -12.64 -12.08
C TYR A 216 12.43 -13.04 -10.58
N PRO A 217 13.31 -12.37 -9.82
CA PRO A 217 13.51 -12.74 -8.36
C PRO A 217 12.36 -12.20 -7.52
N LEU A 218 11.37 -13.03 -7.26
CA LEU A 218 10.29 -12.63 -6.42
C LEU A 218 10.78 -12.40 -4.99
N PRO A 219 10.12 -11.50 -4.24
CA PRO A 219 10.71 -11.08 -2.92
C PRO A 219 10.87 -12.28 -1.95
N ASP A 220 10.00 -13.30 -2.06
CA ASP A 220 10.20 -14.36 -1.06
CA ASP A 220 9.99 -14.56 -1.23
C ASP A 220 11.04 -15.50 -1.57
N GLY A 221 11.79 -15.20 -2.63
CA GLY A 221 12.90 -16.12 -3.04
C GLY A 221 12.53 -17.08 -4.16
N GLU A 222 11.27 -17.08 -4.64
CA GLU A 222 10.89 -18.01 -5.73
C GLU A 222 11.12 -17.23 -7.06
N SER A 223 10.97 -17.91 -8.18
CA SER A 223 11.24 -17.32 -9.52
C SER A 223 9.96 -17.04 -10.27
N GLY A 224 10.02 -15.95 -11.01
CA GLY A 224 8.90 -15.59 -11.90
C GLY A 224 8.70 -16.67 -12.93
N GLN A 225 7.47 -16.86 -13.39
CA GLN A 225 7.19 -17.80 -14.47
C GLN A 225 5.91 -17.25 -15.16
N GLY A 226 6.10 -16.21 -15.95
CA GLY A 226 4.94 -15.36 -16.27
C GLY A 226 3.96 -16.01 -17.18
N ASN A 227 2.69 -15.72 -16.94
N ASN A 227 2.71 -15.63 -16.98
CA ASN A 227 1.64 -16.08 -17.89
CA ASN A 227 1.58 -16.15 -17.77
C ASN A 227 0.47 -15.16 -17.63
C ASN A 227 0.42 -15.18 -17.62
N ALA A 228 0.27 -14.24 -18.57
CA ALA A 228 -0.69 -13.13 -18.32
C ALA A 228 -2.10 -13.60 -18.00
N PRO A 229 -2.66 -14.60 -18.76
CA PRO A 229 -4.04 -15.04 -18.42
C PRO A 229 -4.14 -15.60 -16.98
N SER A 230 -3.09 -16.22 -16.51
CA SER A 230 -3.13 -16.78 -15.14
C SER A 230 -2.99 -15.63 -14.17
N CYS A 231 -2.12 -14.66 -14.46
CA CYS A 231 -1.96 -13.47 -13.58
C CYS A 231 -3.32 -12.71 -13.50
N LYS A 232 -3.90 -12.49 -14.68
CA LYS A 232 -5.18 -11.89 -14.81
C LYS A 232 -6.27 -12.53 -13.98
N GLU A 233 -6.31 -13.86 -13.93
CA GLU A 233 -7.31 -14.53 -13.16
C GLU A 233 -7.06 -14.31 -11.65
N GLU A 234 -5.80 -14.26 -11.25
CA GLU A 234 -5.51 -13.91 -9.84
C GLU A 234 -5.99 -12.52 -9.50
N VAL A 235 -5.67 -11.58 -10.37
CA VAL A 235 -6.08 -10.17 -10.09
C VAL A 235 -7.62 -10.05 -10.05
N THR A 236 -8.27 -10.74 -10.97
CA THR A 236 -9.74 -10.85 -10.92
C THR A 236 -10.33 -11.27 -9.57
N SER A 237 -9.64 -12.12 -8.82
CA SER A 237 -10.16 -12.45 -7.49
CA SER A 237 -10.15 -12.46 -7.51
C SER A 237 -10.18 -11.23 -6.59
N LEU A 238 -9.17 -10.36 -6.67
CA LEU A 238 -9.20 -9.14 -5.88
C LEU A 238 -10.35 -8.23 -6.38
N MET A 239 -10.47 -8.10 -7.70
CA MET A 239 -11.46 -7.18 -8.27
C MET A 239 -12.87 -7.60 -7.88
N ASN A 240 -13.13 -8.89 -8.03
CA ASN A 240 -14.50 -9.37 -7.93
C ASN A 240 -14.82 -10.11 -6.64
N SER A 241 -13.96 -11.04 -6.23
CA SER A 241 -14.29 -11.78 -4.99
C SER A 241 -14.16 -10.82 -3.77
N VAL A 242 -13.27 -9.84 -3.85
CA VAL A 242 -13.09 -8.92 -2.71
C VAL A 242 -13.95 -7.71 -2.96
N HIS A 243 -13.63 -6.92 -4.02
CA HIS A 243 -14.34 -5.64 -4.27
C HIS A 243 -15.70 -5.69 -5.00
N LYS A 244 -16.10 -6.86 -5.55
CA LYS A 244 -17.40 -7.03 -6.23
C LYS A 244 -17.53 -6.00 -7.35
N VAL A 245 -16.44 -5.73 -8.02
CA VAL A 245 -16.49 -4.70 -9.09
C VAL A 245 -17.55 -5.17 -10.14
N ASN A 246 -17.51 -6.46 -10.55
CA ASN A 246 -18.39 -6.88 -11.67
C ASN A 246 -19.86 -6.66 -11.31
N GLN A 247 -20.27 -7.08 -10.12
CA GLN A 247 -21.66 -6.92 -9.68
C GLN A 247 -22.09 -5.47 -9.47
N GLN A 248 -21.16 -4.58 -9.15
CA GLN A 248 -21.46 -3.13 -8.96
C GLN A 248 -21.57 -2.43 -10.30
N ILE A 249 -20.70 -2.81 -11.23
CA ILE A 249 -20.52 -1.96 -12.43
C ILE A 249 -21.23 -2.57 -13.65
N GLN A 250 -21.08 -3.89 -13.91
CA GLN A 250 -21.55 -4.39 -15.20
C GLN A 250 -23.06 -4.20 -15.39
N PRO A 251 -23.89 -4.38 -14.36
CA PRO A 251 -25.35 -4.16 -14.60
C PRO A 251 -25.63 -2.72 -15.01
N LEU A 252 -24.93 -1.77 -14.39
CA LEU A 252 -25.07 -0.32 -14.72
C LEU A 252 -24.65 0.01 -16.11
N LEU A 253 -23.59 -0.61 -16.62
CA LEU A 253 -23.17 -0.33 -18.01
C LEU A 253 -24.11 -1.07 -18.99
N ALA A 254 -24.73 -2.16 -18.58
CA ALA A 254 -25.69 -2.86 -19.44
C ALA A 254 -26.86 -1.91 -19.68
N LEU A 255 -27.31 -1.22 -18.60
CA LEU A 255 -28.47 -0.30 -18.66
C LEU A 255 -28.13 1.04 -19.32
N ASN A 256 -26.86 1.45 -19.23
CA ASN A 256 -26.36 2.79 -19.67
C ASN A 256 -25.12 2.64 -20.53
N PRO A 257 -25.30 2.12 -21.73
CA PRO A 257 -24.10 1.76 -22.49
C PRO A 257 -23.24 2.95 -22.85
N VAL A 258 -21.91 2.74 -22.88
CA VAL A 258 -20.97 3.78 -23.22
C VAL A 258 -20.48 3.49 -24.63
N ASN A 259 -20.47 4.51 -25.49
CA ASN A 259 -20.07 4.37 -26.86
C ASN A 259 -18.56 4.56 -27.06
N GLU A 260 -17.95 5.45 -26.24
CA GLU A 260 -16.53 5.76 -26.35
C GLU A 260 -15.91 5.80 -24.96
N TRP A 261 -14.84 5.04 -24.79
CA TRP A 261 -14.08 4.98 -23.52
C TRP A 261 -12.79 5.72 -23.66
N TYR A 262 -12.51 6.53 -22.64
CA TYR A 262 -11.23 7.26 -22.53
C TYR A 262 -10.61 6.86 -21.19
N SER A 263 -9.30 6.67 -21.18
CA SER A 263 -8.62 6.47 -19.92
CA SER A 263 -8.53 6.35 -19.97
C SER A 263 -7.45 7.42 -19.75
N ILE A 264 -7.31 7.89 -18.52
CA ILE A 264 -6.20 8.73 -18.18
C ILE A 264 -5.51 8.01 -16.98
N GLY A 265 -4.54 8.66 -16.35
CA GLY A 265 -3.74 7.95 -15.30
C GLY A 265 -2.56 7.22 -15.90
N GLY A 266 -2.00 6.32 -15.08
CA GLY A 266 -0.71 5.72 -15.45
C GLY A 266 -0.81 4.72 -16.60
N ILE A 267 -2.02 4.27 -16.93
CA ILE A 267 -2.19 3.42 -18.08
C ILE A 267 -1.59 4.07 -19.36
N SER A 268 -1.57 5.41 -19.43
CA SER A 268 -1.04 6.02 -20.68
C SER A 268 0.47 5.80 -20.76
N ASN A 269 1.12 5.82 -19.59
CA ASN A 269 2.55 5.56 -19.54
C ASN A 269 2.88 4.13 -19.96
N LEU A 270 2.08 3.17 -19.52
CA LEU A 270 2.27 1.78 -19.90
C LEU A 270 2.07 1.61 -21.42
N ALA A 271 0.94 2.13 -21.90
CA ALA A 271 0.57 1.94 -23.34
C ALA A 271 1.58 2.60 -24.30
N SER A 272 2.25 3.63 -23.81
CA SER A 272 3.18 4.44 -24.57
CA SER A 272 3.17 4.39 -24.64
C SER A 272 4.59 3.83 -24.58
N SER A 273 4.79 2.74 -23.84
CA SER A 273 6.07 2.09 -23.71
C SER A 273 6.50 1.52 -25.07
N GLN A 274 7.79 1.51 -25.34
CA GLN A 274 8.32 0.93 -26.58
C GLN A 274 8.10 -0.61 -26.67
N LEU A 275 7.77 -1.21 -25.54
CA LEU A 275 7.39 -2.61 -25.54
C LEU A 275 6.04 -2.89 -26.19
N PHE A 276 5.20 -1.87 -26.28
CA PHE A 276 3.87 -2.05 -26.82
C PHE A 276 3.75 -1.40 -28.21
N HIS A 277 2.89 -1.96 -29.07
CA HIS A 277 2.57 -1.30 -30.34
C HIS A 277 1.09 -0.99 -30.37
N PHE A 278 0.75 0.31 -30.44
CA PHE A 278 -0.63 0.78 -30.54
C PHE A 278 -0.71 1.91 -31.59
N GLU A 279 -1.83 1.98 -32.30
CA GLU A 279 -2.05 3.03 -33.29
C GLU A 279 -3.02 4.07 -32.71
N ASN A 280 -2.86 5.34 -33.15
CA ASN A 280 -3.86 6.38 -32.84
C ASN A 280 -4.18 6.60 -31.35
N SER A 281 -3.19 6.39 -30.45
CA SER A 281 -3.40 6.55 -29.00
C SER A 281 -4.66 5.79 -28.54
N GLU A 282 -4.81 4.55 -29.03
CA GLU A 282 -5.88 3.69 -28.55
C GLU A 282 -5.37 2.28 -28.44
N LEU A 283 -5.90 1.61 -27.44
CA LEU A 283 -5.57 0.22 -27.19
C LEU A 283 -6.85 -0.56 -27.16
N THR A 284 -6.74 -1.88 -27.13
CA THR A 284 -7.84 -2.76 -26.70
C THR A 284 -7.27 -3.63 -25.56
N ASN A 285 -8.17 -4.09 -24.71
CA ASN A 285 -7.68 -4.92 -23.60
C ASN A 285 -7.07 -6.21 -24.13
N GLN A 286 -7.67 -6.83 -25.16
CA GLN A 286 -7.10 -8.07 -25.72
C GLN A 286 -5.64 -7.84 -26.19
N SER A 287 -5.42 -6.76 -26.95
CA SER A 287 -4.11 -6.44 -27.50
C SER A 287 -3.07 -6.14 -26.34
N LEU A 288 -3.49 -5.39 -25.34
CA LEU A 288 -2.64 -5.04 -24.17
C LEU A 288 -2.22 -6.37 -23.48
N LEU A 289 -3.21 -7.21 -23.20
CA LEU A 289 -2.92 -8.48 -22.50
C LEU A 289 -2.00 -9.34 -23.35
N GLN A 290 -2.25 -9.45 -24.68
CA GLN A 290 -1.40 -10.28 -25.54
C GLN A 290 0.04 -9.79 -25.60
N GLN A 291 0.21 -8.48 -25.78
CA GLN A 291 1.55 -7.89 -25.86
C GLN A 291 2.29 -8.01 -24.54
N GLY A 292 1.61 -7.78 -23.40
CA GLY A 292 2.27 -7.94 -22.09
C GLY A 292 2.74 -9.40 -21.97
N ASP A 293 1.85 -10.33 -22.34
CA ASP A 293 2.13 -11.76 -22.27
C ASP A 293 3.38 -12.10 -23.08
N ASN A 294 3.49 -11.54 -24.31
CA ASN A 294 4.56 -11.93 -25.24
C ASN A 294 5.89 -11.24 -24.94
N GLN A 295 5.78 -9.96 -24.60
CA GLN A 295 6.95 -9.11 -24.48
C GLN A 295 7.55 -9.07 -23.09
N ILE A 296 6.77 -9.49 -22.09
CA ILE A 296 7.28 -9.47 -20.69
C ILE A 296 7.07 -10.81 -20.01
N CYS A 297 5.82 -11.26 -19.87
CA CYS A 297 5.52 -12.47 -19.00
C CYS A 297 6.42 -13.59 -19.46
N HIS A 298 6.43 -13.85 -20.79
CA HIS A 298 7.18 -14.98 -21.31
C HIS A 298 8.64 -14.77 -21.65
N GLN A 299 9.22 -13.67 -21.22
CA GLN A 299 10.62 -13.41 -21.50
C GLN A 299 11.46 -13.82 -20.28
N GLN A 300 12.76 -13.94 -20.50
N GLN A 300 12.76 -13.97 -20.50
CA GLN A 300 13.72 -14.26 -19.47
CA GLN A 300 13.70 -14.26 -19.41
C GLN A 300 14.13 -12.93 -18.81
C GLN A 300 14.10 -12.93 -18.80
N TRP A 301 13.87 -12.79 -17.51
CA TRP A 301 14.09 -11.53 -16.81
C TRP A 301 15.51 -10.98 -16.99
N ASP A 302 16.56 -11.81 -16.82
CA ASP A 302 17.93 -11.27 -16.88
C ASP A 302 18.20 -10.67 -18.23
N ILE A 303 17.69 -11.35 -19.26
CA ILE A 303 17.86 -10.90 -20.66
C ILE A 303 17.13 -9.58 -20.84
N LEU A 304 15.87 -9.54 -20.42
CA LEU A 304 15.01 -8.36 -20.64
C LEU A 304 15.53 -7.11 -19.86
N ASN A 305 15.94 -7.33 -18.60
CA ASN A 305 16.48 -6.28 -17.76
C ASN A 305 17.78 -5.70 -18.38
N GLY A 306 18.62 -6.56 -18.96
CA GLY A 306 19.87 -6.18 -19.61
C GLY A 306 19.61 -5.29 -20.79
N GLN A 307 18.41 -5.45 -21.38
CA GLN A 307 17.99 -4.66 -22.54
C GLN A 307 17.45 -3.31 -22.13
N TYR A 308 16.91 -3.21 -20.91
CA TYR A 308 16.27 -1.97 -20.40
C TYR A 308 16.73 -1.77 -19.01
N PRO A 309 18.00 -1.42 -18.86
CA PRO A 309 18.49 -1.33 -17.51
C PRO A 309 17.87 -0.09 -16.84
N ASP A 310 17.49 0.91 -17.64
CA ASP A 310 16.99 2.24 -17.15
C ASP A 310 15.49 2.50 -17.08
N ASP A 311 14.67 1.50 -17.43
CA ASP A 311 13.22 1.54 -17.14
C ASP A 311 12.93 0.92 -15.74
N GLU A 312 12.48 1.74 -14.74
CA GLU A 312 12.21 1.34 -13.34
C GLU A 312 10.75 0.72 -13.15
N TYR A 313 9.98 0.72 -14.24
CA TYR A 313 8.59 0.23 -14.25
C TYR A 313 8.42 -1.09 -15.00
N LEU A 314 9.36 -1.37 -15.92
CA LEU A 314 9.29 -2.54 -16.84
C LEU A 314 8.99 -3.87 -16.11
N TYR A 315 9.58 -4.08 -14.95
CA TYR A 315 9.41 -5.40 -14.28
C TYR A 315 7.96 -5.74 -13.95
N GLN A 316 7.11 -4.70 -13.87
CA GLN A 316 5.75 -4.80 -13.47
C GLN A 316 4.84 -4.91 -14.69
N TYR A 317 5.38 -4.86 -15.91
CA TYR A 317 4.46 -4.75 -17.08
C TYR A 317 3.62 -6.03 -17.35
N CYS A 318 4.10 -7.22 -16.95
CA CYS A 318 3.32 -8.45 -17.09
C CYS A 318 2.07 -8.27 -16.12
N LEU A 319 2.33 -7.87 -14.88
CA LEU A 319 1.29 -7.70 -13.86
C LEU A 319 0.31 -6.57 -14.29
N LEU A 320 0.85 -5.47 -14.77
CA LEU A 320 -0.05 -4.34 -15.08
C LEU A 320 -0.94 -4.63 -16.28
N SER A 321 -0.38 -5.26 -17.30
CA SER A 321 -1.21 -5.66 -18.47
CA SER A 321 -1.23 -5.61 -18.46
C SER A 321 -2.37 -6.56 -18.04
N SER A 322 -2.04 -7.55 -17.21
CA SER A 322 -3.01 -8.52 -16.64
C SER A 322 -4.04 -7.76 -15.75
N TYR A 323 -3.57 -6.84 -14.90
CA TYR A 323 -4.42 -6.09 -14.01
C TYR A 323 -5.41 -5.19 -14.81
N TYR A 324 -4.90 -4.48 -15.82
CA TYR A 324 -5.83 -3.62 -16.57
C TYR A 324 -6.91 -4.45 -17.22
N TYR A 325 -6.57 -5.58 -17.80
CA TYR A 325 -7.58 -6.51 -18.38
C TYR A 325 -8.57 -7.02 -17.29
N ALA A 326 -8.01 -7.46 -16.12
CA ALA A 326 -8.87 -7.88 -15.05
C ALA A 326 -9.87 -6.75 -14.65
N LEU A 327 -9.39 -5.52 -14.55
CA LEU A 327 -10.22 -4.45 -14.06
C LEU A 327 -11.27 -4.07 -15.13
N MET A 328 -10.79 -3.86 -16.34
CA MET A 328 -11.70 -3.29 -17.41
C MET A 328 -12.64 -4.32 -17.97
N VAL A 329 -12.17 -5.59 -18.07
CA VAL A 329 -12.96 -6.61 -18.76
C VAL A 329 -13.74 -7.45 -17.74
N ASP A 330 -13.00 -8.13 -16.86
CA ASP A 330 -13.66 -8.97 -15.83
C ASP A 330 -14.36 -8.14 -14.75
N GLY A 331 -13.91 -6.89 -14.54
CA GLY A 331 -14.54 -5.98 -13.57
C GLY A 331 -15.65 -5.20 -14.27
N TYR A 332 -15.26 -4.23 -15.10
CA TYR A 332 -16.27 -3.35 -15.64
C TYR A 332 -17.11 -3.97 -16.77
N GLY A 333 -16.68 -5.10 -17.33
CA GLY A 333 -17.41 -5.84 -18.40
C GLY A 333 -17.13 -5.19 -19.76
N ILE A 334 -16.13 -4.35 -19.88
CA ILE A 334 -15.85 -3.68 -21.21
C ILE A 334 -15.43 -4.75 -22.19
N ASN A 335 -15.91 -4.68 -23.42
CA ASN A 335 -15.54 -5.69 -24.36
C ASN A 335 -14.02 -5.65 -24.56
N PRO A 336 -13.37 -6.82 -24.60
CA PRO A 336 -11.90 -6.78 -24.76
C PRO A 336 -11.40 -6.28 -26.10
N ASN A 337 -12.28 -6.19 -27.09
CA ASN A 337 -11.86 -5.72 -28.43
C ASN A 337 -12.33 -4.29 -28.67
N GLN A 338 -13.02 -3.71 -27.67
CA GLN A 338 -13.44 -2.30 -27.77
C GLN A 338 -12.24 -1.35 -27.63
N THR A 339 -12.16 -0.34 -28.46
CA THR A 339 -11.19 0.73 -28.34
C THR A 339 -11.25 1.47 -27.04
N ILE A 340 -10.08 1.56 -26.38
CA ILE A 340 -9.90 2.40 -25.21
C ILE A 340 -8.94 3.49 -25.62
N HIS A 341 -9.45 4.70 -25.71
CA HIS A 341 -8.60 5.85 -26.00
C HIS A 341 -7.78 6.24 -24.82
N TYR A 342 -6.50 6.45 -25.02
CA TYR A 342 -5.66 6.96 -23.93
C TYR A 342 -5.01 8.25 -24.39
N ILE A 343 -4.67 9.10 -23.46
CA ILE A 343 -4.11 10.40 -23.81
C ILE A 343 -2.58 10.37 -23.72
N PRO A 344 -1.88 10.85 -24.77
CA PRO A 344 -0.41 10.81 -24.73
C PRO A 344 0.12 11.48 -23.45
N PRO A 345 1.10 10.84 -22.74
CA PRO A 345 1.54 11.43 -21.47
C PRO A 345 2.03 12.90 -21.62
N GLU A 346 2.65 13.21 -22.76
CA GLU A 346 3.15 14.57 -23.02
C GLU A 346 2.04 15.61 -22.86
N GLN A 347 0.77 15.19 -23.00
CA GLN A 347 -0.30 16.17 -22.88
C GLN A 347 -0.60 16.61 -21.45
N ASN A 348 -0.04 15.88 -20.49
CA ASN A 348 -0.24 16.13 -19.06
C ASN A 348 -1.73 16.25 -18.64
N LEU A 349 -2.61 15.47 -19.27
CA LEU A 349 -4.02 15.55 -18.94
C LEU A 349 -4.27 14.73 -17.66
N ASP A 350 -4.62 15.42 -16.57
CA ASP A 350 -5.19 14.75 -15.42
C ASP A 350 -6.57 15.45 -15.10
N TRP A 351 -7.11 15.26 -13.93
CA TRP A 351 -8.48 15.74 -13.63
C TRP A 351 -8.46 17.24 -13.27
N THR A 352 -7.28 17.87 -13.23
CA THR A 352 -7.19 19.25 -12.75
C THR A 352 -7.92 20.25 -13.60
N ILE A 353 -8.06 20.00 -14.91
CA ILE A 353 -8.97 20.88 -15.70
C ILE A 353 -10.40 20.90 -15.17
N GLY A 354 -10.86 19.74 -14.67
CA GLY A 354 -12.18 19.64 -14.02
C GLY A 354 -12.35 20.67 -12.90
N VAL A 355 -11.29 20.93 -12.13
CA VAL A 355 -11.37 21.89 -11.07
C VAL A 355 -11.55 23.28 -11.64
N VAL A 356 -10.88 23.59 -12.78
CA VAL A 356 -11.11 24.91 -13.42
C VAL A 356 -12.59 25.11 -13.73
N LEU A 357 -13.24 24.04 -14.20
CA LEU A 357 -14.68 23.99 -14.49
C LEU A 357 -15.62 23.67 -13.27
N HIS A 358 -15.09 23.67 -12.05
CA HIS A 358 -15.87 23.39 -10.85
C HIS A 358 -17.15 24.24 -10.73
N ARG A 359 -17.30 25.37 -11.45
CA ARG A 359 -18.62 26.10 -11.54
C ARG A 359 -19.74 25.15 -12.00
N ALA A 360 -19.37 24.07 -12.73
CA ALA A 360 -20.24 22.89 -12.86
C ALA A 360 -20.37 22.24 -11.47
N THR B 3 29.83 0.53 32.51
CA THR B 3 30.85 -0.37 31.85
C THR B 3 30.34 -0.98 30.55
N ASN B 4 31.23 -1.09 29.57
CA ASN B 4 30.86 -1.62 28.31
C ASN B 4 30.86 -3.16 28.41
N PRO B 5 29.71 -3.85 28.29
CA PRO B 5 29.75 -5.33 28.27
C PRO B 5 30.51 -5.86 27.07
N CYS B 6 30.66 -5.08 25.99
CA CYS B 6 31.28 -5.56 24.77
C CYS B 6 32.81 -5.69 24.87
N GLU B 7 33.39 -5.14 25.94
CA GLU B 7 34.82 -5.32 26.25
C GLU B 7 35.10 -6.76 26.63
N LYS B 8 34.11 -7.45 27.18
CA LYS B 8 34.32 -8.74 27.75
C LYS B 8 33.43 -9.82 27.18
N HIS B 9 32.48 -9.47 26.30
CA HIS B 9 31.54 -10.43 25.74
C HIS B 9 31.36 -10.02 24.28
N SER B 10 30.98 -10.97 23.45
CA SER B 10 30.63 -10.73 22.01
C SER B 10 29.42 -9.80 21.98
N CYS B 11 29.45 -8.76 21.12
CA CYS B 11 28.28 -7.92 20.95
C CYS B 11 28.03 -7.75 19.44
N ILE B 12 26.76 -7.73 19.03
CA ILE B 12 26.46 -7.28 17.65
C ILE B 12 25.29 -6.35 17.71
N ALA B 13 25.12 -5.56 16.65
CA ALA B 13 23.92 -4.70 16.53
C ALA B 13 23.10 -5.32 15.41
N VAL B 14 21.80 -5.43 15.61
CA VAL B 14 20.88 -5.90 14.55
C VAL B 14 19.83 -4.80 14.40
N ILE B 15 19.64 -4.38 13.15
CA ILE B 15 18.58 -3.42 12.81
C ILE B 15 17.45 -4.14 12.09
N ASP B 16 16.25 -4.10 12.67
CA ASP B 16 15.02 -4.63 12.05
C ASP B 16 14.47 -3.38 11.30
N ALA B 17 14.66 -3.36 10.00
CA ALA B 17 14.17 -2.23 9.17
C ALA B 17 12.74 -2.69 8.67
N GLY B 18 11.70 -2.50 9.52
CA GLY B 18 10.37 -3.02 9.23
C GLY B 18 9.59 -1.99 8.43
N SER B 19 8.39 -2.36 8.03
CA SER B 19 7.63 -1.45 7.16
C SER B 19 7.27 -0.18 7.88
N THR B 20 7.07 -0.27 9.20
CA THR B 20 6.58 0.96 9.96
C THR B 20 7.68 1.78 10.67
N GLY B 21 8.91 1.25 10.72
CA GLY B 21 9.98 1.99 11.41
C GLY B 21 11.19 1.04 11.52
N SER B 22 12.29 1.53 12.01
CA SER B 22 13.48 0.68 12.18
C SER B 22 13.76 0.64 13.68
N ARG B 23 14.20 -0.53 14.10
CA ARG B 23 14.57 -0.80 15.50
C ARG B 23 15.99 -1.33 15.54
N LEU B 24 16.84 -0.56 16.23
CA LEU B 24 18.21 -1.00 16.52
C LEU B 24 18.18 -1.74 17.85
N HIS B 25 18.86 -2.89 17.89
CA HIS B 25 19.06 -3.64 19.12
C HIS B 25 20.56 -3.92 19.16
N ILE B 26 21.17 -3.68 20.33
CA ILE B 26 22.54 -4.16 20.54
C ILE B 26 22.45 -5.27 21.59
N TYR B 27 23.06 -6.38 21.22
CA TYR B 27 23.02 -7.60 22.08
C TYR B 27 24.39 -7.96 22.53
N SER B 28 24.53 -8.30 23.81
CA SER B 28 25.79 -8.93 24.30
C SER B 28 25.44 -10.41 24.50
N TYR B 29 26.44 -11.29 24.32
CA TYR B 29 26.19 -12.71 24.53
C TYR B 29 27.53 -13.42 24.74
N ASP B 30 27.46 -14.63 25.27
CA ASP B 30 28.60 -15.50 25.27
C ASP B 30 28.29 -16.65 24.34
N THR B 31 29.26 -17.58 24.20
CA THR B 31 28.96 -18.73 23.39
C THR B 31 29.32 -19.98 24.14
N ASP B 32 28.58 -21.05 23.83
CA ASP B 32 28.90 -22.35 24.36
C ASP B 32 29.94 -23.13 23.50
N ASP B 33 30.16 -24.39 23.85
CA ASP B 33 31.29 -25.16 23.27
C ASP B 33 31.20 -25.44 21.78
N THR B 34 30.03 -25.20 21.19
CA THR B 34 29.83 -25.22 19.72
C THR B 34 29.83 -23.76 19.11
N ASN B 35 30.12 -22.77 19.96
CA ASN B 35 30.22 -21.37 19.56
C ASN B 35 28.80 -20.80 19.24
N THR B 36 27.76 -21.43 19.85
CA THR B 36 26.37 -20.95 19.81
C THR B 36 26.07 -19.95 20.91
N PRO B 37 25.43 -18.82 20.56
CA PRO B 37 25.19 -17.83 21.63
C PRO B 37 24.32 -18.31 22.80
N ILE B 38 24.70 -17.91 24.01
CA ILE B 38 23.93 -18.10 25.21
C ILE B 38 23.98 -16.80 25.98
N HIS B 39 23.15 -16.66 27.01
CA HIS B 39 23.19 -15.49 27.86
C HIS B 39 23.00 -14.21 27.02
N ILE B 40 22.07 -14.27 26.07
CA ILE B 40 21.88 -13.12 25.17
C ILE B 40 21.14 -12.03 25.96
N GLU B 41 21.70 -10.81 25.95
CA GLU B 41 21.09 -9.69 26.67
C GLU B 41 21.06 -8.45 25.78
N GLU B 42 19.91 -7.80 25.73
CA GLU B 42 19.79 -6.55 24.95
C GLU B 42 20.35 -5.45 25.83
N ILE B 43 21.34 -4.74 25.33
CA ILE B 43 21.96 -3.68 26.12
C ILE B 43 21.60 -2.31 25.65
N TRP B 44 20.96 -2.27 24.48
CA TRP B 44 20.53 -0.98 23.91
C TRP B 44 19.45 -1.21 22.90
N ASN B 45 18.50 -0.28 22.89
CA ASN B 45 17.57 -0.30 21.81
C ASN B 45 17.11 1.07 21.44
N LYS B 46 16.77 1.28 20.18
CA LYS B 46 16.35 2.60 19.77
C LYS B 46 15.41 2.34 18.60
N LYS B 47 14.28 3.06 18.59
CA LYS B 47 13.35 2.96 17.47
C LYS B 47 13.30 4.31 16.71
N ILE B 48 13.05 4.26 15.41
CA ILE B 48 12.76 5.52 14.74
CA ILE B 48 12.91 5.49 14.62
C ILE B 48 11.71 5.26 13.68
N LYS B 49 10.95 6.30 13.39
CA LYS B 49 9.96 6.18 12.35
C LYS B 49 10.32 7.23 11.31
N PRO B 50 9.80 7.06 10.10
CA PRO B 50 8.99 5.94 9.55
C PRO B 50 9.89 4.83 9.06
N GLY B 51 9.33 3.93 8.25
CA GLY B 51 10.08 2.81 7.69
C GLY B 51 11.11 3.29 6.72
N PHE B 52 12.23 2.57 6.67
CA PHE B 52 13.34 2.91 5.79
C PHE B 52 12.90 2.97 4.35
N ALA B 53 12.03 2.02 3.95
CA ALA B 53 11.53 1.98 2.56
C ALA B 53 10.57 3.12 2.23
N SER B 54 10.18 3.94 3.21
CA SER B 54 9.24 5.05 2.98
CA SER B 54 9.24 5.04 2.97
C SER B 54 9.94 6.36 2.78
N ILE B 55 11.22 6.45 3.08
CA ILE B 55 11.96 7.71 2.90
C ILE B 55 12.55 7.83 1.50
N GLN B 56 12.86 9.04 1.07
CA GLN B 56 13.40 9.23 -0.29
C GLN B 56 14.83 8.71 -0.33
N PRO B 57 15.20 7.92 -1.38
CA PRO B 57 16.53 7.26 -1.39
C PRO B 57 17.63 8.14 -1.94
N ASN B 58 17.80 9.28 -1.31
CA ASN B 58 18.92 10.13 -1.64
C ASN B 58 19.88 10.25 -0.45
N SER B 59 21.03 10.80 -0.72
CA SER B 59 22.10 10.72 0.29
C SER B 59 21.76 11.54 1.51
N VAL B 60 21.12 12.70 1.33
CA VAL B 60 20.82 13.60 2.48
C VAL B 60 19.81 12.94 3.45
N THR B 61 18.79 12.31 2.88
CA THR B 61 17.70 11.70 3.64
C THR B 61 18.17 10.43 4.31
N ILE B 62 18.92 9.62 3.58
CA ILE B 62 19.39 8.36 4.14
C ILE B 62 20.47 8.57 5.22
N ASP B 63 21.43 9.46 4.94
CA ASP B 63 22.44 9.82 5.93
C ASP B 63 21.75 10.32 7.24
N ALA B 64 20.77 11.22 7.12
CA ALA B 64 20.11 11.80 8.28
C ALA B 64 19.40 10.69 9.09
N TYR B 65 18.74 9.75 8.38
CA TYR B 65 17.98 8.67 9.03
C TYR B 65 18.92 7.77 9.82
N LEU B 66 19.97 7.26 9.17
CA LEU B 66 20.96 6.42 9.85
C LEU B 66 21.63 7.18 11.00
N THR B 67 21.98 8.42 10.80
CA THR B 67 22.66 9.21 11.84
C THR B 67 21.71 9.28 13.04
N MET B 68 20.42 9.61 12.80
CA MET B 68 19.43 9.72 13.89
C MET B 68 19.25 8.40 14.60
N LEU B 69 19.21 7.32 13.83
CA LEU B 69 19.09 6.01 14.45
C LEU B 69 20.21 5.66 15.45
N LEU B 70 21.44 6.07 15.10
CA LEU B 70 22.64 5.49 15.79
C LEU B 70 23.31 6.50 16.71
N ALA B 71 22.93 7.78 16.64
CA ALA B 71 23.75 8.83 17.29
C ALA B 71 23.81 8.73 18.81
N ASP B 72 22.72 8.20 19.45
CA ASP B 72 22.71 8.17 20.93
C ASP B 72 23.13 6.82 21.50
N ALA B 73 23.62 5.90 20.65
CA ALA B 73 24.06 4.57 21.09
C ALA B 73 25.22 4.82 22.09
N PRO B 74 25.11 4.25 23.27
CA PRO B 74 26.20 4.49 24.25
C PRO B 74 27.52 3.87 23.86
N ILE B 75 27.43 2.72 23.17
CA ILE B 75 28.63 2.00 22.74
C ILE B 75 28.56 1.86 21.22
N HIS B 76 29.74 1.76 20.60
CA HIS B 76 29.79 1.49 19.16
C HIS B 76 31.02 0.58 18.89
N ASN B 77 31.54 0.60 17.67
CA ASN B 77 32.69 -0.19 17.22
C ASN B 77 32.32 -1.67 17.36
N ILE B 78 31.16 -2.04 16.87
CA ILE B 78 30.70 -3.40 16.82
C ILE B 78 30.06 -3.71 15.45
N PRO B 79 29.91 -4.97 15.12
CA PRO B 79 29.33 -5.41 13.85
C PRO B 79 27.84 -5.10 13.80
N VAL B 80 27.37 -4.73 12.61
CA VAL B 80 25.97 -4.34 12.44
C VAL B 80 25.37 -5.16 11.31
N TYR B 81 24.18 -5.70 11.55
CA TYR B 81 23.42 -6.42 10.50
C TYR B 81 22.20 -5.55 10.28
N PHE B 82 22.02 -5.08 9.02
CA PHE B 82 20.87 -4.22 8.69
C PHE B 82 19.94 -5.07 7.78
N TYR B 83 18.84 -5.55 8.34
CA TYR B 83 17.97 -6.48 7.65
C TYR B 83 16.58 -5.84 7.47
N ALA B 84 16.24 -5.54 6.21
CA ALA B 84 14.95 -4.97 5.93
C ALA B 84 13.95 -6.09 5.60
N THR B 85 12.68 -5.82 5.94
CA THR B 85 11.64 -6.80 5.78
C THR B 85 10.60 -6.33 4.75
N ALA B 86 9.34 -6.49 5.06
CA ALA B 86 8.28 -6.42 3.96
C ALA B 86 8.16 -5.04 3.36
N GLY B 87 8.47 -4.00 4.10
CA GLY B 87 8.44 -2.61 3.52
C GLY B 87 9.31 -2.52 2.25
N MET B 88 10.53 -3.02 2.38
CA MET B 88 11.48 -3.00 1.30
CA MET B 88 11.48 -2.99 1.26
C MET B 88 11.08 -4.04 0.22
N ARG B 89 10.49 -5.18 0.65
CA ARG B 89 10.03 -6.23 -0.30
CA ARG B 89 10.09 -6.23 -0.32
C ARG B 89 9.01 -5.71 -1.29
N LEU B 90 8.31 -4.65 -0.90
CA LEU B 90 7.28 -4.07 -1.80
C LEU B 90 7.87 -3.29 -2.95
N LEU B 91 9.15 -2.98 -2.88
CA LEU B 91 9.79 -2.16 -3.91
C LEU B 91 10.54 -3.08 -4.91
N PRO B 92 10.54 -2.70 -6.18
CA PRO B 92 11.42 -3.46 -7.10
C PRO B 92 12.93 -3.35 -6.70
N GLN B 93 13.69 -4.39 -7.06
CA GLN B 93 15.15 -4.39 -6.98
C GLN B 93 15.83 -3.07 -7.31
N SER B 94 15.48 -2.47 -8.44
CA SER B 94 16.09 -1.24 -8.91
CA SER B 94 16.09 -1.22 -8.89
C SER B 94 16.02 -0.09 -7.88
N GLN B 95 14.85 0.04 -7.27
CA GLN B 95 14.60 1.00 -6.26
C GLN B 95 15.31 0.60 -4.90
N GLN B 96 15.23 -0.70 -4.55
CA GLN B 96 15.91 -1.14 -3.32
C GLN B 96 17.40 -0.85 -3.47
N LYS B 97 17.94 -1.05 -4.68
CA LYS B 97 19.36 -0.83 -4.96
C LYS B 97 19.78 0.60 -4.62
N LYS B 98 18.95 1.58 -4.96
CA LYS B 98 19.23 2.97 -4.57
C LYS B 98 19.46 3.14 -3.07
N TYR B 99 18.60 2.51 -2.29
CA TYR B 99 18.69 2.52 -0.77
C TYR B 99 19.98 1.89 -0.32
N TYR B 100 20.26 0.70 -0.83
CA TYR B 100 21.45 -0.02 -0.34
C TYR B 100 22.72 0.59 -0.81
N ASP B 101 22.72 1.14 -2.03
CA ASP B 101 23.94 1.86 -2.51
C ASP B 101 24.25 3.06 -1.58
N GLU B 102 23.18 3.84 -1.20
CA GLU B 102 23.38 5.01 -0.32
C GLU B 102 23.77 4.53 1.11
N LEU B 103 23.09 3.47 1.59
CA LEU B 103 23.35 2.96 2.95
C LEU B 103 24.77 2.36 3.01
N ASP B 104 25.16 1.63 1.98
CA ASP B 104 26.51 1.02 1.97
C ASP B 104 27.56 2.12 2.01
N TYR B 105 27.35 3.15 1.19
CA TYR B 105 28.25 4.27 1.16
C TYR B 105 28.38 4.93 2.55
N TRP B 106 27.24 5.17 3.17
CA TRP B 106 27.23 5.82 4.49
C TRP B 106 28.04 4.97 5.46
N PHE B 107 27.76 3.66 5.49
CA PHE B 107 28.59 2.81 6.36
C PHE B 107 30.07 2.80 6.00
N ARG B 108 30.42 2.68 4.73
CA ARG B 108 31.85 2.71 4.25
C ARG B 108 32.57 3.99 4.65
N GLN B 109 31.83 5.12 4.69
CA GLN B 109 32.42 6.43 4.92
C GLN B 109 32.55 6.73 6.39
N GLN B 110 32.18 5.77 7.24
CA GLN B 110 32.34 6.01 8.67
C GLN B 110 33.03 4.81 9.33
N SER B 111 33.34 4.92 10.63
CA SER B 111 34.13 3.87 11.31
C SER B 111 33.51 3.42 12.61
N GLN B 112 32.45 4.12 13.09
CA GLN B 112 31.87 3.76 14.36
C GLN B 112 31.13 2.43 14.35
N TRP B 113 30.73 1.98 13.15
CA TRP B 113 29.99 0.73 13.03
C TRP B 113 30.63 -0.09 11.94
N GLN B 114 30.75 -1.42 12.13
CA GLN B 114 31.29 -2.29 11.10
C GLN B 114 30.11 -3.01 10.46
N LEU B 115 29.68 -2.52 9.30
CA LEU B 115 28.54 -3.16 8.68
C LEU B 115 28.91 -4.52 8.12
N VAL B 116 28.22 -5.55 8.60
CA VAL B 116 28.43 -6.92 8.09
C VAL B 116 27.66 -7.19 6.79
N GLU B 117 26.38 -6.83 6.86
CA GLU B 117 25.47 -7.08 5.74
C GLU B 117 24.33 -6.10 5.83
N ALA B 118 23.89 -5.56 4.69
CA ALA B 118 22.66 -4.82 4.66
C ALA B 118 21.89 -5.36 3.48
N LYS B 119 20.74 -5.94 3.74
CA LYS B 119 19.93 -6.56 2.67
C LYS B 119 18.51 -6.68 3.09
N THR B 120 17.68 -6.89 2.07
CA THR B 120 16.27 -7.33 2.30
C THR B 120 16.25 -8.82 2.48
N ILE B 121 15.76 -9.21 3.63
CA ILE B 121 15.63 -10.65 3.84
C ILE B 121 14.33 -11.18 3.26
N THR B 122 14.29 -12.48 2.92
CA THR B 122 13.03 -13.06 2.49
C THR B 122 12.08 -13.16 3.72
N GLY B 123 10.77 -13.28 3.47
CA GLY B 123 9.81 -13.51 4.57
C GLY B 123 10.08 -14.87 5.16
N ASN B 124 10.62 -15.83 4.40
CA ASN B 124 10.90 -17.15 5.03
C ASN B 124 12.03 -17.06 6.02
N ASP B 125 13.08 -16.29 5.69
CA ASP B 125 14.14 -16.03 6.67
C ASP B 125 13.64 -15.29 7.88
N GLU B 126 12.81 -14.31 7.62
CA GLU B 126 12.17 -13.55 8.70
C GLU B 126 11.39 -14.49 9.66
N ALA B 127 10.60 -15.42 9.10
CA ALA B 127 9.80 -16.43 9.83
C ALA B 127 10.76 -17.27 10.68
N LEU B 128 11.88 -17.66 10.12
CA LEU B 128 12.85 -18.50 10.91
C LEU B 128 13.28 -17.65 12.10
N PHE B 129 13.65 -16.41 11.84
CA PHE B 129 14.13 -15.53 12.94
C PHE B 129 13.05 -15.31 13.99
N ASP B 130 11.81 -15.15 13.55
CA ASP B 130 10.66 -15.01 14.44
C ASP B 130 10.59 -16.25 15.40
N TRP B 131 10.70 -17.44 14.83
CA TRP B 131 10.52 -18.65 15.64
C TRP B 131 11.71 -18.71 16.63
N LEU B 132 12.92 -18.48 16.14
CA LEU B 132 14.13 -18.53 17.07
C LEU B 132 14.04 -17.50 18.17
N ALA B 133 13.67 -16.26 17.82
CA ALA B 133 13.59 -15.19 18.84
C ALA B 133 12.57 -15.52 19.94
N VAL B 134 11.34 -15.91 19.56
CA VAL B 134 10.29 -16.23 20.56
C VAL B 134 10.74 -17.47 21.37
N ASN B 135 11.23 -18.51 20.71
CA ASN B 135 11.59 -19.70 21.51
C ASN B 135 12.78 -19.43 22.41
N TYR B 136 13.70 -18.57 21.99
CA TYR B 136 14.82 -18.17 22.83
C TYR B 136 14.26 -17.52 24.11
N LYS B 137 13.40 -16.49 23.93
CA LYS B 137 12.77 -15.83 25.05
C LYS B 137 11.97 -16.71 25.98
N LEU B 138 11.33 -17.73 25.44
CA LEU B 138 10.46 -18.64 26.20
C LEU B 138 11.31 -19.67 26.85
N ASP B 139 12.62 -19.69 26.52
CA ASP B 139 13.50 -20.75 27.14
C ASP B 139 13.15 -22.18 26.65
N THR B 140 12.67 -22.32 25.42
CA THR B 140 12.34 -23.64 24.94
C THR B 140 13.47 -24.30 24.20
N LEU B 141 14.47 -23.53 23.78
CA LEU B 141 15.53 -24.06 22.90
C LEU B 141 16.40 -25.18 23.48
N LYS B 142 16.40 -25.36 24.80
CA LYS B 142 17.04 -26.54 25.42
C LYS B 142 16.00 -27.60 25.82
N SER B 148 5.49 -28.87 20.60
CA SER B 148 5.31 -28.18 19.31
C SER B 148 4.88 -26.70 19.52
N VAL B 149 5.81 -25.79 19.28
CA VAL B 149 5.55 -24.36 19.51
C VAL B 149 5.44 -23.70 18.13
N GLY B 150 4.30 -23.10 17.86
CA GLY B 150 4.05 -22.30 16.61
C GLY B 150 4.21 -20.83 16.90
N VAL B 151 4.73 -20.08 15.92
CA VAL B 151 4.90 -18.66 16.10
C VAL B 151 4.28 -17.92 14.92
N MET B 152 3.65 -16.78 15.22
CA MET B 152 3.09 -15.92 14.18
C MET B 152 3.61 -14.49 14.44
N ASP B 153 3.97 -13.77 13.39
CA ASP B 153 4.45 -12.43 13.51
C ASP B 153 3.49 -11.62 12.63
N MET B 154 2.70 -10.76 13.30
CA MET B 154 1.64 -9.98 12.63
C MET B 154 2.20 -8.59 12.31
N GLY B 155 2.86 -8.44 11.15
CA GLY B 155 3.60 -7.24 10.78
C GLY B 155 2.69 -6.23 10.03
N GLY B 156 3.29 -5.07 9.67
CA GLY B 156 2.58 -4.03 8.94
C GLY B 156 2.41 -4.38 7.49
N ALA B 157 3.36 -5.09 6.86
CA ALA B 157 3.21 -5.29 5.43
C ALA B 157 3.22 -6.79 5.07
N SER B 158 3.83 -7.65 5.93
CA SER B 158 3.63 -9.10 5.79
C SER B 158 3.27 -9.73 7.12
N VAL B 159 2.85 -10.96 7.02
CA VAL B 159 2.67 -11.82 8.24
C VAL B 159 3.42 -13.11 8.06
N GLN B 160 4.04 -13.60 9.15
CA GLN B 160 4.72 -14.90 9.07
C GLN B 160 4.07 -15.93 9.97
N ILE B 161 4.17 -17.14 9.53
CA ILE B 161 3.73 -18.31 10.34
C ILE B 161 4.86 -19.33 10.29
N VAL B 162 5.13 -20.03 11.42
CA VAL B 162 6.28 -20.97 11.42
C VAL B 162 5.94 -21.99 12.50
N PHE B 163 6.16 -23.27 12.20
CA PHE B 163 5.89 -24.36 13.14
C PHE B 163 6.72 -25.55 12.77
N PRO B 164 6.97 -26.43 13.75
CA PRO B 164 7.73 -27.66 13.45
C PRO B 164 7.04 -28.58 12.41
N MET B 165 7.80 -29.12 11.49
CA MET B 165 7.29 -30.03 10.48
C MET B 165 8.49 -30.86 10.01
N PRO B 166 8.38 -32.21 9.99
CA PRO B 166 9.48 -33.02 9.40
C PRO B 166 9.81 -32.66 7.96
N LYS B 167 11.09 -32.80 7.62
CA LYS B 167 11.58 -32.50 6.29
C LYS B 167 10.74 -33.33 5.30
N ASN B 168 10.30 -32.68 4.23
CA ASN B 168 9.35 -33.30 3.32
C ASN B 168 9.84 -33.00 1.91
N ALA B 169 9.54 -33.87 0.93
CA ALA B 169 10.04 -33.67 -0.43
C ALA B 169 8.96 -32.96 -1.24
N GLU B 170 7.75 -32.97 -0.72
CA GLU B 170 6.61 -32.45 -1.47
C GLU B 170 6.43 -30.94 -1.28
N ILE B 171 7.01 -30.35 -0.23
CA ILE B 171 6.90 -28.89 -0.04
C ILE B 171 8.19 -28.21 -0.53
N SER B 172 8.08 -26.99 -1.10
CA SER B 172 9.23 -26.17 -1.51
C SER B 172 10.29 -26.18 -0.41
N LYS B 173 11.53 -26.39 -0.83
CA LYS B 173 12.70 -26.21 0.05
C LYS B 173 12.74 -24.80 0.63
N HIS B 174 12.16 -23.84 -0.09
CA HIS B 174 12.08 -22.48 0.36
C HIS B 174 11.25 -22.34 1.64
N ASN B 175 10.34 -23.29 1.86
CA ASN B 175 9.42 -23.21 3.00
C ASN B 175 9.82 -24.13 4.16
N GLN B 176 11.05 -24.63 4.11
CA GLN B 176 11.51 -25.52 5.15
C GLN B 176 12.86 -25.09 5.59
N VAL B 177 13.12 -25.21 6.89
CA VAL B 177 14.48 -24.97 7.38
C VAL B 177 14.85 -26.08 8.36
N GLU B 178 16.06 -26.58 8.20
CA GLU B 178 16.63 -27.49 9.18
C GLU B 178 17.78 -26.79 9.97
N LEU B 179 17.73 -26.92 11.31
CA LEU B 179 18.58 -26.18 12.24
C LEU B 179 19.08 -27.18 13.20
N ASN B 180 20.34 -27.03 13.62
CA ASN B 180 20.86 -27.70 14.81
C ASN B 180 21.21 -26.63 15.82
N ILE B 181 20.53 -26.63 16.96
CA ILE B 181 20.74 -25.60 17.97
C ILE B 181 20.83 -26.30 19.32
N TYR B 182 21.87 -25.97 20.08
CA TYR B 182 22.12 -26.63 21.39
C TYR B 182 21.98 -28.14 21.24
N GLY B 183 22.74 -28.65 20.26
CA GLY B 183 22.68 -30.06 19.85
C GLY B 183 21.33 -30.73 19.70
N GLN B 184 20.33 -30.01 19.19
CA GLN B 184 19.06 -30.65 18.83
C GLN B 184 18.82 -30.32 17.37
N ASN B 185 18.28 -31.31 16.66
CA ASN B 185 17.90 -31.13 15.26
C ASN B 185 16.44 -30.68 15.22
N ILE B 186 16.18 -29.62 14.48
CA ILE B 186 14.86 -28.97 14.41
C ILE B 186 14.56 -28.78 12.93
N ASN B 187 13.37 -29.17 12.51
CA ASN B 187 12.88 -28.82 11.16
C ASN B 187 11.59 -28.01 11.28
N LEU B 188 11.54 -26.90 10.54
CA LEU B 188 10.43 -25.94 10.66
C LEU B 188 9.82 -25.70 9.25
N TYR B 189 8.51 -25.58 9.20
CA TYR B 189 7.82 -25.02 8.04
C TYR B 189 7.79 -23.50 8.28
N VAL B 190 8.13 -22.73 7.23
CA VAL B 190 8.10 -21.30 7.33
C VAL B 190 7.22 -20.79 6.17
N HIS B 191 6.46 -19.72 6.43
CA HIS B 191 5.76 -19.06 5.31
C HIS B 191 5.55 -17.60 5.67
N SER B 192 5.55 -16.70 4.67
CA SER B 192 5.30 -15.31 4.89
C SER B 192 4.32 -14.93 3.80
N PHE B 193 3.35 -14.08 4.19
CA PHE B 193 2.31 -13.66 3.20
C PHE B 193 2.54 -12.14 3.01
N LEU B 194 3.12 -11.77 1.88
CA LEU B 194 3.40 -10.37 1.62
C LEU B 194 2.10 -9.69 1.15
N GLY B 195 1.79 -8.54 1.73
CA GLY B 195 0.55 -7.80 1.40
C GLY B 195 -0.55 -8.10 2.42
N LEU B 196 -0.35 -9.11 3.28
CA LEU B 196 -1.34 -9.39 4.31
C LEU B 196 -1.01 -8.77 5.70
N GLY B 197 0.10 -8.04 5.81
CA GLY B 197 0.31 -7.27 7.03
C GLY B 197 -0.80 -6.24 7.20
N GLN B 198 -0.93 -5.70 8.40
CA GLN B 198 -2.10 -4.86 8.76
C GLN B 198 -2.24 -3.62 7.86
N THR B 199 -1.16 -2.90 7.56
CA THR B 199 -1.34 -1.66 6.78
C THR B 199 -1.73 -2.01 5.36
N GLU B 200 -1.02 -2.96 4.75
CA GLU B 200 -1.30 -3.28 3.34
C GLU B 200 -2.71 -3.85 3.19
N MET B 201 -3.09 -4.79 4.06
CA MET B 201 -4.41 -5.42 4.01
C MET B 201 -5.46 -4.31 4.17
N SER B 202 -5.25 -3.35 5.07
CA SER B 202 -6.36 -2.41 5.45
C SER B 202 -6.72 -1.55 4.25
N HIS B 203 -5.74 -1.40 3.35
CA HIS B 203 -6.00 -0.48 2.16
C HIS B 203 -7.02 -1.04 1.21
N GLN B 204 -7.46 -2.28 1.41
CA GLN B 204 -8.49 -2.89 0.57
C GLN B 204 -9.86 -2.77 1.18
N PHE B 205 -9.95 -2.31 2.44
CA PHE B 205 -11.23 -2.33 3.14
C PHE B 205 -11.69 -1.00 3.72
N LEU B 206 -11.05 0.12 3.28
CA LEU B 206 -11.33 1.40 3.96
C LEU B 206 -12.71 1.97 3.62
N ASN B 207 -13.31 1.50 2.53
CA ASN B 207 -14.69 1.92 2.23
C ASN B 207 -15.70 0.78 2.52
N SER B 208 -15.32 -0.12 3.43
CA SER B 208 -16.23 -1.17 3.83
C SER B 208 -17.01 -0.77 5.11
N PRO B 209 -18.33 -0.45 5.01
CA PRO B 209 -19.00 0.02 6.24
C PRO B 209 -18.98 -1.02 7.37
N SER B 210 -18.98 -2.31 7.04
CA SER B 210 -18.96 -3.35 8.13
C SER B 210 -17.66 -3.30 8.98
N CYS B 211 -16.62 -2.67 8.48
CA CYS B 211 -15.31 -2.73 9.11
C CYS B 211 -15.01 -1.52 9.99
N PHE B 212 -16.01 -0.62 10.17
CA PHE B 212 -15.80 0.58 10.98
C PHE B 212 -17.01 0.85 11.88
N ALA B 213 -16.77 1.58 12.99
CA ALA B 213 -17.81 1.94 13.91
C ALA B 213 -18.97 2.68 13.20
N ASN B 214 -20.17 2.57 13.77
CA ASN B 214 -21.32 3.29 13.24
C ASN B 214 -21.04 4.77 13.01
N ASP B 215 -21.40 5.26 11.81
CA ASP B 215 -21.19 6.67 11.47
C ASP B 215 -19.75 7.09 11.35
N TYR B 216 -18.78 6.14 11.39
CA TYR B 216 -17.44 6.48 11.00
C TYR B 216 -17.41 7.09 9.57
N PRO B 217 -16.70 8.21 9.36
CA PRO B 217 -16.73 8.83 8.01
C PRO B 217 -15.73 8.09 7.08
N LEU B 218 -16.24 7.15 6.27
CA LEU B 218 -15.41 6.47 5.26
C LEU B 218 -14.85 7.47 4.24
N PRO B 219 -13.65 7.20 3.68
CA PRO B 219 -12.97 8.18 2.83
C PRO B 219 -13.86 8.56 1.64
N ASP B 220 -14.70 7.64 1.16
CA ASP B 220 -15.47 7.97 -0.02
C ASP B 220 -16.90 8.49 0.23
N GLY B 221 -17.13 8.91 1.48
CA GLY B 221 -18.35 9.64 1.85
C GLY B 221 -19.49 8.83 2.44
N GLU B 222 -19.41 7.51 2.45
N GLU B 222 -19.30 7.51 2.47
CA GLU B 222 -20.46 6.76 3.13
CA GLU B 222 -20.24 6.57 3.08
C GLU B 222 -20.18 6.74 4.66
C GLU B 222 -20.02 6.46 4.62
N SER B 223 -21.03 6.03 5.38
CA SER B 223 -20.89 5.89 6.87
C SER B 223 -20.60 4.49 7.30
N GLY B 224 -19.71 4.38 8.30
CA GLY B 224 -19.55 3.08 8.96
C GLY B 224 -20.83 2.48 9.49
N GLN B 225 -20.90 1.16 9.47
CA GLN B 225 -22.07 0.42 10.05
C GLN B 225 -21.47 -0.93 10.46
N GLY B 226 -20.81 -0.91 11.64
CA GLY B 226 -19.80 -1.95 11.97
C GLY B 226 -20.47 -3.26 12.26
N ASN B 227 -19.86 -4.31 11.78
N ASN B 227 -19.83 -4.34 11.82
CA ASN B 227 -20.32 -5.64 12.11
CA ASN B 227 -20.38 -5.69 11.96
C ASN B 227 -19.15 -6.55 11.83
C ASN B 227 -19.23 -6.70 11.81
N ALA B 228 -18.56 -7.02 12.91
CA ALA B 228 -17.28 -7.73 12.78
C ALA B 228 -17.40 -9.10 12.02
N PRO B 229 -18.49 -9.89 12.25
CA PRO B 229 -18.56 -11.10 11.40
C PRO B 229 -18.63 -10.78 9.89
N SER B 230 -19.37 -9.73 9.50
CA SER B 230 -19.35 -9.31 8.06
C SER B 230 -18.01 -8.80 7.61
N CYS B 231 -17.36 -7.97 8.43
CA CYS B 231 -16.07 -7.45 8.05
C CYS B 231 -15.10 -8.66 7.91
N LYS B 232 -15.17 -9.60 8.85
CA LYS B 232 -14.29 -10.75 8.78
C LYS B 232 -14.49 -11.59 7.49
N GLU B 233 -15.75 -11.74 7.05
CA GLU B 233 -16.02 -12.44 5.80
C GLU B 233 -15.33 -11.71 4.63
N GLU B 234 -15.33 -10.38 4.63
CA GLU B 234 -14.71 -9.63 3.54
C GLU B 234 -13.23 -9.87 3.57
N VAL B 235 -12.64 -9.82 4.77
CA VAL B 235 -11.18 -9.99 4.87
C VAL B 235 -10.81 -11.45 4.47
N THR B 236 -11.66 -12.40 4.81
CA THR B 236 -11.43 -13.78 4.41
C THR B 236 -11.37 -13.93 2.90
N SER B 237 -12.13 -13.14 2.13
CA SER B 237 -12.01 -13.30 0.67
CA SER B 237 -12.03 -13.27 0.67
C SER B 237 -10.62 -12.90 0.18
N LEU B 238 -10.01 -11.86 0.83
CA LEU B 238 -8.62 -11.52 0.50
C LEU B 238 -7.64 -12.65 0.92
N MET B 239 -7.84 -13.23 2.14
CA MET B 239 -6.97 -14.30 2.63
C MET B 239 -7.04 -15.54 1.74
N ASN B 240 -8.25 -15.96 1.34
CA ASN B 240 -8.43 -17.30 0.77
C ASN B 240 -8.68 -17.25 -0.74
N SER B 241 -9.53 -16.33 -1.21
CA SER B 241 -9.78 -16.23 -2.66
C SER B 241 -8.57 -15.66 -3.41
N VAL B 242 -7.88 -14.73 -2.79
CA VAL B 242 -6.71 -14.14 -3.41
C VAL B 242 -5.40 -14.86 -3.03
N HIS B 243 -5.05 -14.87 -1.72
CA HIS B 243 -3.76 -15.49 -1.33
C HIS B 243 -3.80 -17.01 -1.06
N LYS B 244 -4.97 -17.62 -1.09
CA LYS B 244 -5.09 -19.07 -0.85
C LYS B 244 -4.39 -19.49 0.50
N VAL B 245 -4.53 -18.66 1.53
CA VAL B 245 -3.93 -19.00 2.87
C VAL B 245 -4.38 -20.38 3.31
N ASN B 246 -5.71 -20.61 3.30
CA ASN B 246 -6.26 -21.86 3.86
C ASN B 246 -5.69 -23.07 3.12
N GLN B 247 -5.66 -22.98 1.78
CA GLN B 247 -5.18 -24.11 0.95
C GLN B 247 -3.71 -24.46 1.24
N GLN B 248 -2.96 -23.43 1.54
CA GLN B 248 -1.54 -23.60 1.80
C GLN B 248 -1.19 -24.09 3.20
N ILE B 249 -1.88 -23.58 4.19
CA ILE B 249 -1.50 -23.79 5.59
C ILE B 249 -2.30 -24.88 6.21
N GLN B 250 -3.61 -24.86 6.03
CA GLN B 250 -4.43 -25.84 6.79
C GLN B 250 -4.09 -27.33 6.68
N PRO B 251 -3.78 -27.84 5.44
CA PRO B 251 -3.38 -29.25 5.34
C PRO B 251 -2.10 -29.57 6.13
N LEU B 252 -1.23 -28.59 6.26
CA LEU B 252 0.02 -28.77 6.99
C LEU B 252 -0.17 -28.76 8.48
N LEU B 253 -0.99 -27.84 8.96
CA LEU B 253 -1.29 -27.80 10.37
C LEU B 253 -2.11 -29.02 10.79
N ALA B 254 -2.97 -29.51 9.90
CA ALA B 254 -3.67 -30.78 10.10
C ALA B 254 -2.74 -31.88 10.48
N LEU B 255 -1.63 -31.99 9.74
CA LEU B 255 -0.73 -33.14 9.89
C LEU B 255 0.32 -32.85 10.91
N ASN B 256 0.48 -31.58 11.29
CA ASN B 256 1.56 -31.19 12.19
C ASN B 256 1.02 -30.30 13.27
N PRO B 257 0.11 -30.80 14.12
CA PRO B 257 -0.53 -29.83 15.04
C PRO B 257 0.44 -29.17 15.98
N VAL B 258 0.08 -27.93 16.31
CA VAL B 258 0.84 -27.07 17.17
C VAL B 258 0.14 -27.09 18.54
N ASN B 259 0.93 -27.35 19.60
CA ASN B 259 0.45 -27.33 21.00
C ASN B 259 0.30 -25.96 21.62
N GLU B 260 1.20 -25.03 21.27
CA GLU B 260 1.15 -23.73 21.94
C GLU B 260 1.47 -22.71 20.80
N TRP B 261 0.63 -21.68 20.66
CA TRP B 261 0.83 -20.58 19.68
C TRP B 261 1.27 -19.33 20.40
N TYR B 262 2.31 -18.72 19.87
CA TYR B 262 2.79 -17.41 20.30
C TYR B 262 2.80 -16.44 19.13
N SER B 263 2.41 -15.21 19.42
N SER B 263 2.40 -15.21 19.41
CA SER B 263 2.37 -14.16 18.42
CA SER B 263 2.44 -14.19 18.40
C SER B 263 3.14 -12.92 18.90
C SER B 263 3.15 -12.92 18.89
N ILE B 264 3.78 -12.24 17.94
CA ILE B 264 4.43 -10.98 18.17
C ILE B 264 3.93 -10.07 17.02
N GLY B 265 4.37 -8.84 17.04
CA GLY B 265 3.91 -7.92 16.05
C GLY B 265 2.71 -7.11 16.54
N GLY B 266 1.92 -6.55 15.61
CA GLY B 266 0.93 -5.55 16.01
C GLY B 266 -0.21 -6.07 16.85
N ILE B 267 -0.46 -7.38 16.80
CA ILE B 267 -1.54 -7.97 17.56
C ILE B 267 -1.27 -7.77 19.06
N SER B 268 0.02 -7.72 19.44
CA SER B 268 0.34 -7.50 20.86
C SER B 268 -0.07 -6.07 21.25
N ASN B 269 0.06 -5.10 20.30
CA ASN B 269 -0.34 -3.73 20.65
C ASN B 269 -1.86 -3.58 20.74
N LEU B 270 -2.57 -4.21 19.80
CA LEU B 270 -4.05 -4.25 19.85
CA LEU B 270 -4.05 -4.24 19.86
C LEU B 270 -4.54 -4.87 21.16
N ALA B 271 -4.03 -6.07 21.46
CA ALA B 271 -4.54 -6.83 22.56
C ALA B 271 -4.27 -6.11 23.94
N SER B 272 -3.19 -5.31 23.99
CA SER B 272 -2.76 -4.59 25.20
C SER B 272 -3.38 -3.20 25.27
N SER B 273 -4.16 -2.83 24.27
CA SER B 273 -4.67 -1.46 24.27
C SER B 273 -5.80 -1.33 25.33
N GLN B 274 -6.24 -0.12 25.58
CA GLN B 274 -7.28 0.09 26.57
C GLN B 274 -8.70 -0.34 26.16
N LEU B 275 -8.89 -0.64 24.88
CA LEU B 275 -10.20 -1.07 24.34
C LEU B 275 -10.47 -2.53 24.57
N PHE B 276 -9.40 -3.33 24.74
CA PHE B 276 -9.52 -4.80 24.81
C PHE B 276 -9.12 -5.20 26.24
N HIS B 277 -9.63 -6.35 26.67
CA HIS B 277 -9.47 -6.82 28.02
C HIS B 277 -9.07 -8.28 27.88
N PHE B 278 -7.76 -8.57 28.04
CA PHE B 278 -7.25 -9.97 28.06
C PHE B 278 -6.40 -10.19 29.27
N GLU B 279 -6.44 -11.41 29.79
CA GLU B 279 -5.61 -11.77 30.93
C GLU B 279 -4.44 -12.64 30.52
N ASN B 280 -3.38 -12.60 31.33
CA ASN B 280 -2.26 -13.53 31.23
C ASN B 280 -1.57 -13.41 29.84
N SER B 281 -1.64 -12.22 29.24
CA SER B 281 -1.06 -12.01 27.90
C SER B 281 -1.47 -13.10 26.97
N GLU B 282 -2.75 -13.44 26.99
CA GLU B 282 -3.21 -14.38 25.95
C GLU B 282 -4.64 -14.02 25.53
N LEU B 283 -5.02 -14.49 24.37
CA LEU B 283 -6.38 -14.23 23.86
C LEU B 283 -6.90 -15.50 23.20
N THR B 284 -8.16 -15.49 22.80
CA THR B 284 -8.67 -16.47 21.84
C THR B 284 -9.24 -15.65 20.67
N ASN B 285 -9.28 -16.26 19.53
CA ASN B 285 -9.89 -15.55 18.33
C ASN B 285 -11.36 -15.22 18.57
N GLN B 286 -12.10 -16.15 19.17
CA GLN B 286 -13.49 -15.87 19.47
C GLN B 286 -13.62 -14.58 20.34
N SER B 287 -12.81 -14.48 21.40
CA SER B 287 -12.90 -13.34 22.31
C SER B 287 -12.45 -12.05 21.61
N LEU B 288 -11.39 -12.16 20.81
CA LEU B 288 -10.86 -10.99 20.05
C LEU B 288 -11.97 -10.42 19.15
N LEU B 289 -12.57 -11.29 18.36
CA LEU B 289 -13.63 -10.87 17.44
C LEU B 289 -14.83 -10.24 18.17
N GLN B 290 -15.28 -10.89 19.26
CA GLN B 290 -16.41 -10.42 20.04
C GLN B 290 -16.15 -9.10 20.68
N GLN B 291 -14.92 -8.92 21.22
CA GLN B 291 -14.58 -7.66 21.87
C GLN B 291 -14.54 -6.57 20.81
N GLY B 292 -13.98 -6.86 19.64
CA GLY B 292 -13.89 -5.82 18.63
C GLY B 292 -15.30 -5.44 18.15
N ASP B 293 -16.10 -6.43 17.97
CA ASP B 293 -17.53 -6.26 17.51
C ASP B 293 -18.32 -5.38 18.48
N ASN B 294 -18.17 -5.68 19.79
CA ASN B 294 -19.02 -5.06 20.76
C ASN B 294 -18.44 -3.73 21.26
N GLN B 295 -17.12 -3.64 21.42
N GLN B 295 -17.11 -3.67 21.32
CA GLN B 295 -16.49 -2.40 21.92
CA GLN B 295 -16.38 -2.54 21.90
C GLN B 295 -16.17 -1.37 20.85
C GLN B 295 -16.03 -1.45 20.87
N ILE B 296 -16.09 -1.80 19.59
CA ILE B 296 -15.83 -0.79 18.55
CA ILE B 296 -15.78 -0.84 18.51
C ILE B 296 -16.88 -0.85 17.44
N CYS B 297 -17.06 -2.02 16.78
CA CYS B 297 -17.89 -2.04 15.50
C CYS B 297 -19.30 -1.49 15.77
N HIS B 298 -19.89 -1.86 16.92
CA HIS B 298 -21.29 -1.55 17.21
C HIS B 298 -21.50 -0.25 17.98
N GLN B 299 -20.41 0.51 18.14
CA GLN B 299 -20.45 1.80 18.81
C GLN B 299 -20.65 2.96 17.84
N GLN B 300 -21.13 4.09 18.35
CA GLN B 300 -21.27 5.31 17.57
C GLN B 300 -19.91 6.00 17.54
N TRP B 301 -19.34 6.14 16.35
CA TRP B 301 -17.97 6.65 16.21
C TRP B 301 -17.69 7.91 16.99
N ASP B 302 -18.43 9.02 16.77
CA ASP B 302 -18.13 10.27 17.47
C ASP B 302 -18.07 10.07 18.98
N ILE B 303 -19.04 9.35 19.50
CA ILE B 303 -19.09 9.13 20.94
C ILE B 303 -17.84 8.32 21.42
N LEU B 304 -17.57 7.22 20.73
CA LEU B 304 -16.40 6.38 21.01
C LEU B 304 -15.05 7.11 20.89
N ASN B 305 -14.86 7.85 19.77
CA ASN B 305 -13.69 8.66 19.54
C ASN B 305 -13.51 9.71 20.67
N GLY B 306 -14.61 10.31 21.14
CA GLY B 306 -14.55 11.29 22.24
C GLY B 306 -14.15 10.60 23.54
N GLN B 307 -14.61 9.37 23.71
CA GLN B 307 -14.31 8.59 24.98
C GLN B 307 -12.86 8.18 25.06
N TYR B 308 -12.23 7.85 23.90
CA TYR B 308 -10.85 7.33 23.89
C TYR B 308 -9.99 8.19 22.95
N PRO B 309 -9.69 9.41 23.35
CA PRO B 309 -9.00 10.32 22.45
C PRO B 309 -7.51 10.06 22.25
N ASP B 310 -6.89 9.19 23.04
CA ASP B 310 -5.42 9.09 22.86
C ASP B 310 -4.94 7.77 22.30
N ASP B 311 -5.78 7.13 21.49
CA ASP B 311 -5.36 5.93 20.81
C ASP B 311 -5.52 6.17 19.33
N GLU B 312 -4.39 6.43 18.65
CA GLU B 312 -4.48 6.77 17.24
C GLU B 312 -4.85 5.59 16.35
N TYR B 313 -4.91 4.37 16.90
CA TYR B 313 -5.35 3.22 16.17
C TYR B 313 -6.81 2.85 16.35
N LEU B 314 -7.48 3.55 17.29
CA LEU B 314 -8.84 3.26 17.61
C LEU B 314 -9.67 3.03 16.34
N TYR B 315 -9.58 3.93 15.37
CA TYR B 315 -10.51 3.86 14.23
C TYR B 315 -10.43 2.55 13.49
N GLN B 316 -9.28 1.83 13.60
CA GLN B 316 -9.11 0.61 12.83
C GLN B 316 -9.41 -0.63 13.66
N TYR B 317 -9.80 -0.47 14.92
CA TYR B 317 -9.88 -1.73 15.74
C TYR B 317 -11.00 -2.75 15.36
N CYS B 318 -12.14 -2.25 14.78
CA CYS B 318 -13.17 -3.12 14.34
C CYS B 318 -12.52 -3.95 13.19
N LEU B 319 -11.88 -3.27 12.22
CA LEU B 319 -11.22 -3.95 11.12
C LEU B 319 -10.12 -4.93 11.55
N LEU B 320 -9.26 -4.50 12.46
CA LEU B 320 -8.12 -5.37 12.92
C LEU B 320 -8.58 -6.59 13.64
N SER B 321 -9.57 -6.45 14.53
CA SER B 321 -10.04 -7.61 15.24
CA SER B 321 -10.11 -7.59 15.25
C SER B 321 -10.66 -8.61 14.25
N SER B 322 -11.41 -8.10 13.23
CA SER B 322 -12.03 -8.96 12.24
C SER B 322 -10.92 -9.64 11.38
N TYR B 323 -9.92 -8.85 11.01
CA TYR B 323 -8.77 -9.32 10.20
C TYR B 323 -7.95 -10.45 10.91
N TYR B 324 -7.59 -10.23 12.19
CA TYR B 324 -6.87 -11.30 12.89
C TYR B 324 -7.67 -12.60 12.95
N TYR B 325 -8.98 -12.48 13.16
CA TYR B 325 -9.83 -13.67 13.16
C TYR B 325 -9.82 -14.31 11.75
N ALA B 326 -10.04 -13.49 10.71
CA ALA B 326 -9.99 -14.07 9.34
C ALA B 326 -8.67 -14.81 9.07
N LEU B 327 -7.53 -14.19 9.44
CA LEU B 327 -6.23 -14.77 9.18
C LEU B 327 -6.04 -16.07 9.96
N MET B 328 -6.25 -16.01 11.27
CA MET B 328 -5.92 -17.17 12.11
C MET B 328 -6.93 -18.27 12.02
N VAL B 329 -8.23 -17.92 11.99
CA VAL B 329 -9.25 -18.94 11.99
C VAL B 329 -9.56 -19.35 10.55
N ASP B 330 -10.05 -18.40 9.73
CA ASP B 330 -10.36 -18.83 8.37
C ASP B 330 -9.15 -19.13 7.45
N GLY B 331 -7.98 -18.53 7.71
CA GLY B 331 -6.75 -18.71 6.93
C GLY B 331 -6.09 -19.97 7.50
N TYR B 332 -5.47 -19.84 8.66
CA TYR B 332 -4.64 -20.92 9.21
C TYR B 332 -5.42 -22.11 9.75
N GLY B 333 -6.70 -21.93 10.08
CA GLY B 333 -7.51 -23.04 10.51
C GLY B 333 -7.44 -23.21 12.01
N ILE B 334 -6.90 -22.22 12.71
CA ILE B 334 -6.77 -22.29 14.17
C ILE B 334 -8.18 -22.29 14.82
N ASN B 335 -8.42 -23.17 15.80
CA ASN B 335 -9.69 -23.19 16.49
C ASN B 335 -9.98 -21.81 17.16
N PRO B 336 -11.20 -21.29 17.02
CA PRO B 336 -11.48 -19.96 17.60
C PRO B 336 -11.35 -19.90 19.11
N ASN B 337 -11.40 -21.09 19.77
CA ASN B 337 -11.23 -21.18 21.21
C ASN B 337 -9.82 -21.55 21.66
N GLN B 338 -8.92 -21.76 20.71
CA GLN B 338 -7.54 -22.05 21.10
CA GLN B 338 -7.49 -22.01 20.99
C GLN B 338 -6.83 -20.80 21.63
N THR B 339 -6.17 -20.98 22.77
CA THR B 339 -5.35 -19.88 23.32
C THR B 339 -4.26 -19.44 22.36
N ILE B 340 -4.13 -18.15 22.17
CA ILE B 340 -2.99 -17.56 21.46
C ILE B 340 -2.27 -16.68 22.47
N HIS B 341 -1.03 -17.01 22.80
CA HIS B 341 -0.20 -16.15 23.65
C HIS B 341 0.33 -15.01 22.81
N TYR B 342 0.39 -13.82 23.39
CA TYR B 342 1.09 -12.77 22.72
C TYR B 342 2.15 -12.23 23.70
N ILE B 343 3.23 -11.77 23.14
CA ILE B 343 4.34 -11.26 23.95
C ILE B 343 4.02 -9.79 24.26
N PRO B 344 4.12 -9.38 25.52
CA PRO B 344 3.77 -8.00 25.91
C PRO B 344 4.58 -6.97 25.09
N PRO B 345 3.95 -5.92 24.62
CA PRO B 345 4.67 -4.87 23.87
C PRO B 345 5.85 -4.24 24.56
N GLU B 346 5.79 -4.12 25.91
CA GLU B 346 6.87 -3.52 26.75
C GLU B 346 8.17 -4.28 26.49
N GLN B 347 8.08 -5.56 26.07
CA GLN B 347 9.28 -6.32 25.76
C GLN B 347 10.01 -5.96 24.49
N ASN B 348 9.37 -5.16 23.62
CA ASN B 348 9.99 -4.79 22.35
C ASN B 348 10.52 -6.01 21.65
N LEU B 349 9.78 -7.14 21.62
CA LEU B 349 10.34 -8.33 21.07
C LEU B 349 10.06 -8.44 19.57
N ASP B 350 11.10 -8.41 18.76
CA ASP B 350 10.98 -8.69 17.34
C ASP B 350 11.85 -9.91 17.05
N TRP B 351 12.18 -10.13 15.79
CA TRP B 351 12.86 -11.34 15.37
C TRP B 351 14.37 -11.20 15.52
N THR B 352 14.90 -10.05 15.95
CA THR B 352 16.35 -9.80 15.84
C THR B 352 17.21 -10.79 16.67
N ILE B 353 16.71 -11.26 17.83
CA ILE B 353 17.40 -12.40 18.57
CA ILE B 353 17.47 -12.35 18.53
C ILE B 353 17.72 -13.56 17.64
N GLY B 354 16.79 -13.83 16.68
CA GLY B 354 17.00 -14.93 15.79
C GLY B 354 18.27 -14.72 14.95
N VAL B 355 18.62 -13.46 14.61
CA VAL B 355 19.86 -13.20 13.88
C VAL B 355 21.12 -13.50 14.75
N VAL B 356 21.05 -13.12 16.04
CA VAL B 356 22.14 -13.48 16.97
C VAL B 356 22.39 -14.97 16.89
N LEU B 357 21.31 -15.75 16.96
CA LEU B 357 21.40 -17.22 17.02
C LEU B 357 21.80 -17.89 15.68
N HIS B 358 21.44 -17.31 14.54
CA HIS B 358 21.66 -17.95 13.20
C HIS B 358 21.97 -16.87 12.11
N ARG B 359 23.21 -16.70 11.58
CA ARG B 359 24.49 -17.27 12.00
C ARG B 359 24.42 -18.46 12.97
PG ANP C . -3.89 8.46 -7.39
O1G ANP C . -3.77 9.40 -6.19
O2G ANP C . -4.70 9.07 -8.57
O3G ANP C . -4.49 7.15 -6.98
PB ANP C . -1.47 8.93 -9.06
O1B ANP C . -2.21 10.14 -9.66
O2B ANP C . -0.09 9.32 -8.49
N3B ANP C . -2.31 7.99 -7.93
PA ANP C . -0.88 8.14 -11.75
O1A ANP C . 0.11 9.25 -11.88
O2A ANP C . -2.12 8.12 -12.54
O3A ANP C . -1.23 7.82 -10.25
O5' ANP C . -0.15 6.74 -12.13
C5' ANP C . 1.05 6.42 -11.45
C4' ANP C . 1.62 5.12 -11.97
O4' ANP C . 1.91 5.29 -13.36
C3' ANP C . 3.02 4.96 -11.46
O3' ANP C . 3.05 4.21 -10.26
C2' ANP C . 3.72 4.12 -12.48
O2' ANP C . 3.44 2.72 -12.31
C1' ANP C . 3.10 4.54 -13.75
N9 ANP C . 4.16 5.36 -14.38
C8 ANP C . 4.55 6.63 -14.06
N7 ANP C . 5.58 7.05 -14.90
C5 ANP C . 5.83 6.04 -15.73
C6 ANP C . 6.79 5.81 -16.83
N6 ANP C . 7.66 6.82 -17.15
N1 ANP C . 6.75 4.57 -17.46
C2 ANP C . 5.87 3.60 -17.11
N3 ANP C . 4.99 3.74 -16.11
C4 ANP C . 4.94 4.91 -15.38
MG MG D . -4.21 10.49 -9.93
O1 MES E . -18.27 -5.36 -0.06
C2 MES E . -18.36 -4.87 -1.39
C3 MES E . -17.21 -3.91 -1.58
N4 MES E . -17.17 -2.82 -0.57
C5 MES E . -18.24 -2.93 0.41
C6 MES E . -18.25 -4.35 0.99
C7 MES E . -17.20 -1.52 -1.27
C8 MES E . -15.97 -1.82 -2.11
S MES E . -15.55 -0.68 -3.20
O1S MES E . -16.57 -0.65 -4.24
O2S MES E . -15.45 0.58 -2.55
O3S MES E . -14.28 -1.17 -3.59
C1 GOL F . -17.00 5.12 -3.94
O1 GOL F . -17.24 5.68 -5.22
C2 GOL F . -18.31 4.73 -3.18
O2 GOL F . -18.98 3.65 -3.82
C3 GOL F . -19.37 5.85 -3.17
O3 GOL F . -19.86 6.46 -1.97
PG ANP G . 6.87 -5.62 8.77
O1G ANP G . 8.06 -5.08 7.95
O2G ANP G . 7.27 -6.74 9.76
O3G ANP G . 5.73 -6.21 7.92
PB ANP G . 6.66 -3.79 11.11
O1B ANP G . 7.70 -4.69 11.73
O2B ANP G . 7.00 -2.30 11.05
N3B ANP G . 6.14 -4.35 9.61
PA ANP G . 5.15 -4.00 13.55
O1A ANP G . 6.02 -2.93 14.15
O2A ANP G . 5.11 -5.44 14.02
O3A ANP G . 5.28 -4.00 11.92
O5' ANP G . 3.65 -3.48 13.66
C5' ANP G . 2.72 -4.39 13.22
C4' ANP G . 1.51 -3.53 13.03
O4' ANP G . 1.06 -3.06 14.33
C3' ANP G . 1.77 -2.30 12.16
O3' ANP G . 0.76 -2.25 11.13
C2' ANP G . 1.53 -1.15 13.16
O2' ANP G . 1.04 -0.08 12.35
C1' ANP G . 0.53 -1.80 14.12
N9 ANP G . 0.23 -1.19 15.40
C8 ANP G . 1.02 -0.34 16.13
N7 ANP G . 0.40 0.09 17.24
C5 ANP G . -0.79 -0.53 17.21
C6 ANP G . -1.90 -0.57 18.11
N6 ANP G . -1.80 0.20 19.21
N1 ANP G . -2.98 -1.34 17.78
C2 ANP G . -3.09 -2.10 16.65
N3 ANP G . -2.09 -2.20 15.74
C4 ANP G . -0.93 -1.41 16.00
MG MG H . 8.22 -6.66 11.57
O1 MES I . -1.89 -17.84 -5.67
C2 MES I . -0.69 -17.86 -6.45
C3 MES I . 0.32 -17.00 -5.73
N4 MES I . 0.62 -17.67 -4.47
C5 MES I . -0.60 -18.06 -3.68
C6 MES I . -1.84 -17.43 -4.29
C7 MES I . 1.46 -16.82 -3.61
C8 MES I . 0.53 -16.17 -2.57
S MES I . 1.16 -15.93 -1.03
O1S MES I . 0.33 -14.95 -0.33
O2S MES I . 1.30 -17.22 -0.31
O3S MES I . 2.49 -15.40 -1.21
C1 GOL J . 25.34 -4.77 0.74
O1 GOL J . 24.17 -4.00 1.05
C2 GOL J . 26.02 -5.20 2.06
O2 GOL J . 25.44 -6.45 2.45
C3 GOL J . 27.51 -5.43 1.87
O3 GOL J . 28.18 -4.51 2.73
C1 GOL K . 32.61 -15.35 23.58
O1 GOL K . 31.35 -15.13 22.83
C2 GOL K . 32.66 -14.67 24.96
O2 GOL K . 31.57 -13.72 25.05
C3 GOL K . 32.47 -15.82 25.94
O3 GOL K . 31.89 -16.95 25.26
#